data_7OT3
#
_entry.id   7OT3
#
_cell.length_a   71.871
_cell.length_b   92.422
_cell.length_c   87.260
_cell.angle_alpha   90.000
_cell.angle_beta   108.880
_cell.angle_gamma   90.000
#
_symmetry.space_group_name_H-M   'P 1 21 1'
#
loop_
_entity.id
_entity.type
_entity.pdbx_description
1 polymer 'Bifunctional glutamate/proline--tRNA ligase'
2 non-polymer PROLINE
3 non-polymer ~{N}-[(2-chlorophenyl)methyl]-3-[(2-chlorophenyl)methylamino]pyrazine-2-carboxamide
4 non-polymer 'ZINC ION'
5 non-polymer 'STRONTIUM ION'
6 water water
#
_entity_poly.entity_id   1
_entity_poly.type   'polypeptide(L)'
_entity_poly.pdbx_seq_one_letter_code
;GAGEGQGPKKQTRLGLEAKKEENLADWYSQVITKSEMIEYHDISGCYILRPWAYAIWEAIKDFFDAEIKKLGVENCYFPM
FVSQSALEKEKTHVADFAPEVAWVTRSGKTELAEPIAIRPTSETVMYPAYAKWVQSHRDLPIKLNQWCNVVRWEFKHPQP
FLRTREFLWQEGHSAFATMEEAAEEVLQILDLYAQVYEELLAIPVVKGRKTEKEKFAGGDYTTTIEAFISASGRAIQGGT
SHHLGQNFSKMFEIVFEDPKIPGEKQFAYQNSWGLTTRTIGVMTMVHGDNMGLVLPPRVACVQVVIIPCGITNALSEEDK
EALIAKCNDYRRRLLSVNIRVRADLRDNYSPGWKFNHWELKGVPIRLEVGPRDMKSCQFVAVRRDTGEKLTVAENEAETK
LQAILEDIQVTLFTRASEDLKTHMVVANTMEDFQKILDSGKIVQIPFCGEIDCEDWIKKTTARDQDLEPGAPSMGAKSLC
IPFKPLCELQPGAKCVCGKNPAKYYTLFGRSY
;
_entity_poly.pdbx_strand_id   A,B
#
loop_
_chem_comp.id
_chem_comp.type
_chem_comp.name
_chem_comp.formula
0W4 non-polymer ~{N}-[(2-chlorophenyl)methyl]-3-[(2-chlorophenyl)methylamino]pyrazine-2-carboxamide 'C19 H16 Cl2 N4 O'
SR non-polymer 'STRONTIUM ION' 'Sr 2'
ZN non-polymer 'ZINC ION' 'Zn 2'
#
# COMPACT_ATOMS: atom_id res chain seq x y z
N GLY A 15 -21.14 -5.27 24.30
CA GLY A 15 -22.47 -5.03 23.76
C GLY A 15 -22.61 -3.68 23.09
N LEU A 16 -23.67 -3.52 22.30
CA LEU A 16 -23.95 -2.29 21.60
C LEU A 16 -25.13 -1.58 22.24
N GLU A 17 -25.04 -0.25 22.36
CA GLU A 17 -26.05 0.55 23.03
C GLU A 17 -26.96 1.30 22.06
N ALA A 18 -26.38 1.97 21.07
CA ALA A 18 -27.18 2.78 20.16
C ALA A 18 -28.02 1.91 19.24
N LYS A 19 -29.14 2.47 18.79
CA LYS A 19 -30.06 1.79 17.88
C LYS A 19 -29.86 2.31 16.47
N LYS A 20 -29.84 1.40 15.50
CA LYS A 20 -29.62 1.77 14.10
C LYS A 20 -30.85 2.44 13.50
N GLU A 21 -32.05 1.93 13.82
CA GLU A 21 -33.28 2.49 13.25
C GLU A 21 -33.54 3.91 13.73
N GLU A 22 -33.03 4.30 14.91
CA GLU A 22 -33.25 5.64 15.42
C GLU A 22 -32.05 6.55 15.13
N ASN A 23 -31.03 6.49 15.98
CA ASN A 23 -29.85 7.35 15.85
C ASN A 23 -28.78 6.56 15.10
N LEU A 24 -28.74 6.74 13.77
CA LEU A 24 -27.80 5.99 12.95
C LEU A 24 -26.38 6.48 13.16
N ALA A 25 -26.19 7.79 13.39
CA ALA A 25 -24.85 8.33 13.54
C ALA A 25 -24.14 7.74 14.75
N ASP A 26 -24.84 7.67 15.89
CA ASP A 26 -24.24 7.07 17.07
C ASP A 26 -24.09 5.57 16.92
N TRP A 27 -25.00 4.92 16.20
CA TRP A 27 -24.84 3.50 15.90
C TRP A 27 -23.58 3.26 15.08
N TYR A 28 -23.30 4.16 14.13
CA TYR A 28 -22.13 3.99 13.27
C TYR A 28 -20.83 4.21 14.03
N SER A 29 -20.79 5.26 14.86
CA SER A 29 -19.56 5.55 15.60
C SER A 29 -19.23 4.49 16.65
N GLN A 30 -20.22 3.70 17.07
CA GLN A 30 -19.96 2.67 18.07
C GLN A 30 -19.65 1.31 17.46
N VAL A 31 -20.12 1.04 16.25
CA VAL A 31 -19.79 -0.24 15.62
C VAL A 31 -18.39 -0.21 15.01
N ILE A 32 -17.94 0.96 14.52
CA ILE A 32 -16.60 1.03 13.96
C ILE A 32 -15.53 1.05 15.05
N THR A 33 -15.88 1.43 16.27
CA THR A 33 -14.93 1.45 17.37
C THR A 33 -14.93 0.15 18.16
N LYS A 34 -16.11 -0.44 18.39
CA LYS A 34 -16.21 -1.68 19.16
C LYS A 34 -15.97 -2.93 18.33
N SER A 35 -16.02 -2.83 17.00
CA SER A 35 -15.46 -3.87 16.15
C SER A 35 -13.95 -3.72 15.96
N GLU A 36 -13.36 -2.69 16.58
CA GLU A 36 -11.93 -2.43 16.49
C GLU A 36 -11.49 -2.22 15.04
N MET A 37 -12.23 -1.36 14.33
CA MET A 37 -11.90 -0.94 12.98
C MET A 37 -11.30 0.46 12.93
N ILE A 38 -11.86 1.39 13.69
CA ILE A 38 -11.51 2.80 13.61
C ILE A 38 -11.12 3.30 15.00
N GLU A 39 -9.98 3.97 15.08
CA GLU A 39 -9.58 4.73 16.25
C GLU A 39 -9.47 6.20 15.85
N TYR A 40 -9.91 7.09 16.72
CA TYR A 40 -9.95 8.50 16.37
C TYR A 40 -8.57 9.15 16.55
N HIS A 41 -8.39 10.27 15.85
CA HIS A 41 -7.13 10.99 15.82
C HIS A 41 -7.36 12.45 16.20
N ASP A 42 -6.32 13.09 16.74
CA ASP A 42 -6.44 14.47 17.17
C ASP A 42 -6.60 15.44 15.99
N ILE A 43 -6.26 15.00 14.78
CA ILE A 43 -6.50 15.78 13.57
C ILE A 43 -7.88 15.43 13.05
N SER A 44 -8.76 16.43 12.97
CA SER A 44 -10.14 16.18 12.57
C SER A 44 -10.20 15.71 11.12
N GLY A 45 -11.07 14.74 10.86
CA GLY A 45 -11.20 14.14 9.55
C GLY A 45 -10.30 12.96 9.29
N CYS A 46 -9.23 12.81 10.05
CA CYS A 46 -8.29 11.70 9.90
C CYS A 46 -8.61 10.63 10.93
N TYR A 47 -8.67 9.38 10.49
CA TYR A 47 -9.04 8.27 11.35
C TYR A 47 -8.05 7.12 11.17
N ILE A 48 -7.83 6.38 12.26
CA ILE A 48 -6.91 5.25 12.27
C ILE A 48 -7.64 4.01 11.76
N LEU A 49 -7.06 3.36 10.76
CA LEU A 49 -7.62 2.12 10.21
C LEU A 49 -6.96 0.96 10.94
N ARG A 50 -7.65 0.43 11.94
CA ARG A 50 -7.13 -0.68 12.71
C ARG A 50 -7.05 -1.94 11.85
N PRO A 51 -6.31 -2.96 12.29
CA PRO A 51 -6.13 -4.17 11.47
C PRO A 51 -7.44 -4.80 11.00
N TRP A 52 -8.51 -4.71 11.78
CA TRP A 52 -9.77 -5.35 11.37
C TRP A 52 -10.34 -4.67 10.12
N ALA A 53 -10.28 -3.35 10.05
CA ALA A 53 -10.73 -2.65 8.85
C ALA A 53 -9.72 -2.76 7.73
N TYR A 54 -8.43 -2.69 8.05
CA TYR A 54 -7.40 -2.71 7.02
C TYR A 54 -7.37 -4.03 6.26
N ALA A 55 -7.72 -5.13 6.94
CA ALA A 55 -7.75 -6.43 6.27
C ALA A 55 -8.82 -6.45 5.18
N ILE A 56 -9.94 -5.77 5.40
CA ILE A 56 -10.97 -5.69 4.37
C ILE A 56 -10.44 -4.96 3.15
N TRP A 57 -9.70 -3.87 3.37
CA TRP A 57 -9.12 -3.12 2.25
C TRP A 57 -8.12 -3.98 1.48
N GLU A 58 -7.35 -4.81 2.19
CA GLU A 58 -6.40 -5.70 1.53
C GLU A 58 -7.12 -6.81 0.77
N ALA A 59 -8.27 -7.27 1.27
CA ALA A 59 -9.06 -8.22 0.52
C ALA A 59 -9.62 -7.61 -0.75
N ILE A 60 -10.08 -6.35 -0.66
CA ILE A 60 -10.50 -5.63 -1.86
C ILE A 60 -9.32 -5.44 -2.80
N LYS A 61 -8.14 -5.17 -2.23
CA LYS A 61 -6.95 -4.95 -3.06
C LYS A 61 -6.54 -6.20 -3.80
N ASP A 62 -6.64 -7.37 -3.16
CA ASP A 62 -6.22 -8.62 -3.79
C ASP A 62 -7.09 -8.95 -5.00
N PHE A 63 -8.39 -8.67 -4.92
CA PHE A 63 -9.28 -8.95 -6.04
C PHE A 63 -9.06 -7.97 -7.18
N PHE A 64 -9.06 -6.67 -6.87
CA PHE A 64 -8.97 -5.65 -7.92
C PHE A 64 -7.61 -5.65 -8.59
N ASP A 65 -6.54 -5.93 -7.84
CA ASP A 65 -5.21 -5.97 -8.44
C ASP A 65 -5.10 -7.08 -9.47
N ALA A 66 -5.61 -8.27 -9.14
CA ALA A 66 -5.53 -9.40 -10.06
C ALA A 66 -6.35 -9.18 -11.32
N GLU A 67 -7.34 -8.28 -11.30
CA GLU A 67 -8.19 -8.06 -12.45
C GLU A 67 -7.63 -6.99 -13.39
N ILE A 68 -7.07 -5.90 -12.85
CA ILE A 68 -6.52 -4.86 -13.73
C ILE A 68 -5.25 -5.35 -14.41
N LYS A 69 -4.53 -6.28 -13.79
CA LYS A 69 -3.35 -6.85 -14.43
C LYS A 69 -3.74 -7.67 -15.66
N LYS A 70 -4.92 -8.30 -15.65
CA LYS A 70 -5.40 -8.97 -16.85
C LYS A 70 -5.65 -7.98 -17.98
N LEU A 71 -6.02 -6.75 -17.66
CA LEU A 71 -6.25 -5.71 -18.64
C LEU A 71 -4.97 -5.04 -19.12
N GLY A 72 -3.81 -5.44 -18.59
CA GLY A 72 -2.55 -4.86 -18.98
C GLY A 72 -2.09 -3.68 -18.15
N VAL A 73 -2.68 -3.48 -16.97
CA VAL A 73 -2.32 -2.35 -16.10
C VAL A 73 -1.27 -2.79 -15.11
N GLU A 74 -0.25 -1.95 -14.92
CA GLU A 74 0.86 -2.24 -14.03
C GLU A 74 0.85 -1.26 -12.86
N ASN A 75 1.41 -1.71 -11.74
CA ASN A 75 1.44 -0.90 -10.53
C ASN A 75 2.73 -0.08 -10.46
N CYS A 76 2.60 1.11 -9.87
CA CYS A 76 3.70 2.06 -9.77
C CYS A 76 3.46 2.93 -8.54
N TYR A 77 4.26 3.99 -8.40
CA TYR A 77 4.02 4.98 -7.36
C TYR A 77 4.65 6.30 -7.78
N PHE A 78 3.85 7.36 -7.81
CA PHE A 78 4.26 8.71 -8.14
C PHE A 78 4.38 9.55 -6.87
N PRO A 79 5.16 10.63 -6.91
CA PRO A 79 5.30 11.48 -5.72
C PRO A 79 3.97 12.09 -5.30
N MET A 80 3.82 12.31 -3.99
CA MET A 80 2.60 12.88 -3.45
C MET A 80 2.58 14.40 -3.51
N PHE A 81 3.68 15.04 -3.93
CA PHE A 81 3.79 16.48 -3.99
C PHE A 81 3.72 16.96 -5.43
N VAL A 82 2.99 18.07 -5.63
CA VAL A 82 2.77 18.63 -6.95
C VAL A 82 3.25 20.08 -6.95
N SER A 83 3.93 20.49 -8.02
CA SER A 83 4.34 21.87 -8.15
C SER A 83 3.14 22.73 -8.53
N GLN A 84 3.31 24.05 -8.42
CA GLN A 84 2.22 24.96 -8.74
C GLN A 84 1.94 24.98 -10.24
N SER A 85 2.99 25.07 -11.05
CA SER A 85 2.79 25.16 -12.50
C SER A 85 2.18 23.89 -13.06
N ALA A 86 2.59 22.73 -12.54
CA ALA A 86 2.04 21.46 -13.03
C ALA A 86 0.59 21.29 -12.61
N LEU A 87 0.23 21.76 -11.41
CA LEU A 87 -1.14 21.58 -10.92
C LEU A 87 -2.13 22.47 -11.67
N GLU A 88 -1.66 23.59 -12.22
CA GLU A 88 -2.53 24.58 -12.84
C GLU A 88 -2.51 24.51 -14.36
N LYS A 89 -1.94 23.46 -14.95
CA LYS A 89 -1.97 23.32 -16.40
C LYS A 89 -3.39 23.12 -16.90
N GLU A 90 -4.13 22.18 -16.31
CA GLU A 90 -5.55 22.03 -16.61
C GLU A 90 -6.33 23.05 -15.79
N LYS A 91 -6.98 23.99 -16.48
CA LYS A 91 -7.61 25.12 -15.81
C LYS A 91 -8.80 24.68 -14.98
N THR A 92 -9.81 24.07 -15.61
CA THR A 92 -11.04 23.73 -14.90
C THR A 92 -10.83 22.58 -13.91
N HIS A 93 -9.86 21.70 -14.17
CA HIS A 93 -9.61 20.61 -13.25
C HIS A 93 -9.07 21.13 -11.92
N VAL A 94 -8.19 22.13 -11.97
CA VAL A 94 -7.63 22.68 -10.75
C VAL A 94 -8.62 23.60 -10.06
N ALA A 95 -9.56 24.18 -10.81
CA ALA A 95 -10.53 25.09 -10.22
C ALA A 95 -11.48 24.36 -9.28
N ASP A 96 -11.77 23.08 -9.54
CA ASP A 96 -12.69 22.34 -8.69
C ASP A 96 -12.03 21.85 -7.41
N PHE A 97 -10.74 21.53 -7.45
CA PHE A 97 -10.02 21.00 -6.31
C PHE A 97 -9.24 22.07 -5.55
N ALA A 98 -9.26 23.32 -6.00
CA ALA A 98 -8.37 24.34 -5.44
C ALA A 98 -8.56 24.55 -3.94
N PRO A 99 -9.77 24.81 -3.41
CA PRO A 99 -9.89 25.05 -1.97
C PRO A 99 -9.71 23.79 -1.13
N GLU A 100 -9.65 22.61 -1.75
CA GLU A 100 -9.53 21.35 -1.03
C GLU A 100 -8.11 20.81 -1.04
N VAL A 101 -7.12 21.62 -1.42
CA VAL A 101 -5.74 21.18 -1.53
C VAL A 101 -4.96 21.69 -0.32
N ALA A 102 -4.29 20.77 0.38
CA ALA A 102 -3.42 21.13 1.48
C ALA A 102 -2.03 21.49 0.95
N TRP A 103 -1.50 22.62 1.40
CA TRP A 103 -0.23 23.13 0.92
C TRP A 103 0.84 23.03 2.00
N VAL A 104 2.04 22.61 1.60
CA VAL A 104 3.20 22.58 2.46
C VAL A 104 3.99 23.86 2.18
N THR A 105 4.14 24.70 3.21
CA THR A 105 4.76 26.01 3.02
C THR A 105 6.05 26.21 3.82
N ARG A 106 6.44 25.27 4.68
CA ARG A 106 7.67 25.43 5.43
C ARG A 106 8.22 24.06 5.82
N SER A 107 9.54 23.94 5.82
CA SER A 107 10.24 22.72 6.21
C SER A 107 10.85 22.97 7.59
N GLY A 108 10.16 22.52 8.63
CA GLY A 108 10.61 22.76 9.99
C GLY A 108 10.55 24.23 10.36
N LYS A 109 11.71 24.86 10.50
CA LYS A 109 11.79 26.28 10.79
C LYS A 109 11.98 27.14 9.55
N THR A 110 12.77 26.67 8.59
CA THR A 110 13.00 27.41 7.35
C THR A 110 11.83 27.26 6.40
N GLU A 111 11.53 28.32 5.67
CA GLU A 111 10.43 28.33 4.73
C GLU A 111 10.84 27.78 3.37
N LEU A 112 9.86 27.32 2.62
CA LEU A 112 10.08 26.80 1.27
C LEU A 112 10.02 27.93 0.25
N ALA A 113 10.90 27.87 -0.74
CA ALA A 113 10.92 28.88 -1.79
C ALA A 113 9.63 28.85 -2.60
N GLU A 114 9.14 27.65 -2.91
CA GLU A 114 7.89 27.48 -3.65
C GLU A 114 7.00 26.54 -2.86
N PRO A 115 5.78 26.95 -2.49
CA PRO A 115 4.88 26.04 -1.78
C PRO A 115 4.48 24.87 -2.65
N ILE A 116 4.54 23.67 -2.09
CA ILE A 116 4.17 22.44 -2.79
C ILE A 116 2.82 21.98 -2.28
N ALA A 117 2.09 21.26 -3.13
CA ALA A 117 0.75 20.80 -2.82
C ALA A 117 0.74 19.29 -2.62
N ILE A 118 -0.13 18.83 -1.72
CA ILE A 118 -0.37 17.41 -1.54
C ILE A 118 -1.44 16.97 -2.52
N ARG A 119 -1.22 15.82 -3.16
CA ARG A 119 -2.10 15.34 -4.21
C ARG A 119 -3.54 15.17 -3.71
N PRO A 120 -4.52 15.86 -4.31
CA PRO A 120 -5.91 15.41 -4.18
C PRO A 120 -6.25 14.32 -5.18
N THR A 121 -5.42 14.19 -6.22
CA THR A 121 -5.47 13.18 -7.27
C THR A 121 -4.22 13.40 -8.11
N SER A 122 -3.79 12.35 -8.81
CA SER A 122 -2.47 12.35 -9.43
C SER A 122 -2.50 12.61 -10.93
N GLU A 123 -3.51 13.33 -11.42
CA GLU A 123 -3.53 13.69 -12.84
C GLU A 123 -2.35 14.59 -13.19
N THR A 124 -2.17 15.68 -12.45
CA THR A 124 -1.10 16.63 -12.75
C THR A 124 0.28 16.12 -12.37
N VAL A 125 0.37 14.99 -11.66
CA VAL A 125 1.66 14.40 -11.32
C VAL A 125 2.13 13.43 -12.39
N MET A 126 1.23 12.60 -12.91
CA MET A 126 1.62 11.53 -13.82
C MET A 126 1.76 12.02 -15.25
N TYR A 127 0.92 12.95 -15.68
CA TYR A 127 0.80 13.30 -17.09
C TYR A 127 2.01 14.07 -17.63
N PRO A 128 2.68 14.92 -16.84
CA PRO A 128 3.98 15.42 -17.31
C PRO A 128 4.98 14.31 -17.59
N ALA A 129 4.90 13.20 -16.86
CA ALA A 129 5.73 12.04 -17.17
C ALA A 129 5.18 11.25 -18.34
N TYR A 130 3.85 11.18 -18.49
CA TYR A 130 3.25 10.55 -19.66
C TYR A 130 3.71 11.23 -20.95
N ALA A 131 3.86 12.55 -20.91
CA ALA A 131 4.28 13.28 -22.10
C ALA A 131 5.69 12.89 -22.53
N LYS A 132 6.61 12.78 -21.57
CA LYS A 132 7.97 12.40 -21.89
C LYS A 132 8.03 10.95 -22.35
N TRP A 133 7.19 10.08 -21.78
CA TRP A 133 7.20 8.68 -22.15
C TRP A 133 6.55 8.42 -23.50
N VAL A 134 5.80 9.37 -24.03
CA VAL A 134 5.07 9.20 -25.28
C VAL A 134 5.73 10.11 -26.32
N GLN A 135 6.54 9.50 -27.19
CA GLN A 135 7.17 10.21 -28.29
C GLN A 135 6.74 9.71 -29.66
N SER A 136 6.09 8.55 -29.73
CA SER A 136 5.63 7.99 -30.99
C SER A 136 4.45 7.07 -30.70
N HIS A 137 3.96 6.41 -31.76
CA HIS A 137 2.81 5.52 -31.60
C HIS A 137 3.16 4.22 -30.88
N ARG A 138 4.45 3.86 -30.83
CA ARG A 138 4.86 2.63 -30.15
C ARG A 138 4.81 2.75 -28.63
N ASP A 139 4.75 3.96 -28.10
CA ASP A 139 4.73 4.15 -26.66
C ASP A 139 3.35 3.92 -26.05
N LEU A 140 2.29 3.98 -26.85
CA LEU A 140 0.94 3.80 -26.35
C LEU A 140 0.45 2.39 -26.63
N PRO A 141 -0.44 1.83 -25.79
CA PRO A 141 -1.04 2.47 -24.60
C PRO A 141 -0.17 2.39 -23.36
N ILE A 142 -0.44 3.30 -22.41
CA ILE A 142 0.19 3.30 -21.10
C ILE A 142 -0.90 3.03 -20.07
N LYS A 143 -0.74 1.98 -19.28
CA LYS A 143 -1.73 1.57 -18.29
C LYS A 143 -1.04 1.47 -16.93
N LEU A 144 -1.22 2.48 -16.09
CA LEU A 144 -0.56 2.55 -14.80
C LEU A 144 -1.60 2.74 -13.69
N ASN A 145 -1.38 2.05 -12.58
CA ASN A 145 -2.22 2.15 -11.39
C ASN A 145 -1.31 2.25 -10.17
N GLN A 146 -1.81 2.92 -9.13
CA GLN A 146 -1.05 3.00 -7.87
C GLN A 146 -2.01 2.96 -6.69
N TRP A 147 -1.59 2.25 -5.65
CA TRP A 147 -2.29 2.22 -4.37
C TRP A 147 -1.57 3.17 -3.42
N CYS A 148 -2.25 4.25 -3.03
CA CYS A 148 -1.60 5.31 -2.28
C CYS A 148 -2.66 6.05 -1.47
N ASN A 149 -2.23 7.12 -0.81
CA ASN A 149 -3.12 8.02 -0.09
C ASN A 149 -3.15 9.36 -0.79
N VAL A 150 -4.29 10.05 -0.68
CA VAL A 150 -4.46 11.40 -1.19
C VAL A 150 -5.15 12.23 -0.12
N VAL A 151 -5.08 13.55 -0.27
CA VAL A 151 -5.64 14.48 0.70
C VAL A 151 -6.55 15.45 -0.01
N ARG A 152 -7.79 15.55 0.45
CA ARG A 152 -8.75 16.54 -0.03
C ARG A 152 -9.35 17.21 1.20
N TRP A 153 -8.91 18.44 1.47
CA TRP A 153 -9.25 19.12 2.71
C TRP A 153 -10.61 19.80 2.62
N GLU A 154 -11.64 19.05 2.24
CA GLU A 154 -12.99 19.59 2.23
C GLU A 154 -13.44 19.90 3.66
N PHE A 155 -14.22 20.96 3.81
CA PHE A 155 -14.64 21.43 5.11
C PHE A 155 -15.95 20.80 5.59
N LYS A 156 -16.62 20.03 4.74
CA LYS A 156 -17.83 19.34 5.15
C LYS A 156 -17.54 18.38 6.31
N HIS A 157 -18.59 18.05 7.05
CA HIS A 157 -18.41 17.25 8.26
C HIS A 157 -17.87 15.87 7.92
N PRO A 158 -16.72 15.47 8.45
CA PRO A 158 -16.14 14.17 8.07
C PRO A 158 -16.85 13.02 8.76
N GLN A 159 -16.95 11.91 8.02
CA GLN A 159 -17.51 10.67 8.54
C GLN A 159 -16.51 9.56 8.24
N PRO A 160 -16.13 8.74 9.22
CA PRO A 160 -15.09 7.73 8.97
C PRO A 160 -15.43 6.84 7.79
N PHE A 161 -14.39 6.47 7.03
CA PHE A 161 -14.49 5.71 5.79
C PHE A 161 -15.17 6.51 4.68
N LEU A 162 -16.35 7.05 4.95
CA LEU A 162 -17.15 7.69 3.91
C LEU A 162 -16.54 9.00 3.45
N ARG A 163 -16.31 9.92 4.39
CA ARG A 163 -15.86 11.28 4.08
C ARG A 163 -14.70 11.63 5.00
N THR A 164 -13.48 11.52 4.50
CA THR A 164 -12.28 11.78 5.28
C THR A 164 -11.34 12.71 4.52
N ARG A 165 -10.60 13.52 5.28
CA ARG A 165 -9.64 14.43 4.65
C ARG A 165 -8.49 13.66 4.00
N GLU A 166 -8.06 12.56 4.61
CA GLU A 166 -7.09 11.66 4.03
C GLU A 166 -7.70 10.27 3.91
N PHE A 167 -7.52 9.64 2.75
CA PHE A 167 -8.04 8.30 2.55
C PHE A 167 -7.12 7.53 1.62
N LEU A 168 -7.19 6.20 1.73
CA LEU A 168 -6.49 5.31 0.84
C LEU A 168 -7.37 4.96 -0.36
N TRP A 169 -6.74 4.76 -1.51
CA TRP A 169 -7.48 4.42 -2.72
C TRP A 169 -6.51 3.79 -3.72
N GLN A 170 -7.06 3.40 -4.86
CA GLN A 170 -6.28 3.14 -6.06
C GLN A 170 -6.73 4.13 -7.13
N GLU A 171 -5.79 4.55 -7.97
CA GLU A 171 -6.10 5.39 -9.11
C GLU A 171 -5.36 4.85 -10.32
N GLY A 172 -6.11 4.41 -11.33
CA GLY A 172 -5.54 3.96 -12.58
C GLY A 172 -5.66 5.05 -13.62
N HIS A 173 -4.57 5.29 -14.35
CA HIS A 173 -4.53 6.30 -15.40
C HIS A 173 -4.04 5.63 -16.67
N SER A 174 -4.88 5.61 -17.70
CA SER A 174 -4.56 4.98 -18.97
C SER A 174 -4.63 6.02 -20.09
N ALA A 175 -3.75 5.84 -21.07
CA ALA A 175 -3.67 6.73 -22.23
C ALA A 175 -3.65 5.90 -23.49
N PHE A 176 -4.50 6.25 -24.46
CA PHE A 176 -4.66 5.49 -25.69
C PHE A 176 -4.54 6.42 -26.89
N ALA A 177 -4.06 5.86 -27.99
CA ALA A 177 -4.11 6.56 -29.27
C ALA A 177 -5.51 6.57 -29.87
N THR A 178 -6.38 5.66 -29.43
CA THR A 178 -7.72 5.53 -29.94
C THR A 178 -8.74 5.98 -28.91
N MET A 179 -9.85 6.53 -29.40
CA MET A 179 -10.98 6.85 -28.51
C MET A 179 -11.81 5.62 -28.20
N GLU A 180 -11.90 4.68 -29.15
CA GLU A 180 -12.64 3.45 -28.92
C GLU A 180 -11.94 2.58 -27.87
N GLU A 181 -10.61 2.54 -27.90
CA GLU A 181 -9.88 1.80 -26.87
C GLU A 181 -10.11 2.41 -25.49
N ALA A 182 -10.13 3.74 -25.41
CA ALA A 182 -10.32 4.40 -24.12
C ALA A 182 -11.74 4.19 -23.59
N ALA A 183 -12.74 4.41 -24.45
CA ALA A 183 -14.13 4.24 -24.03
C ALA A 183 -14.41 2.80 -23.63
N GLU A 184 -13.71 1.84 -24.25
CA GLU A 184 -13.88 0.43 -23.88
C GLU A 184 -13.39 0.18 -22.45
N GLU A 185 -12.27 0.81 -22.07
CA GLU A 185 -11.72 0.56 -20.74
C GLU A 185 -12.58 1.18 -19.64
N VAL A 186 -13.27 2.29 -19.94
CA VAL A 186 -14.07 2.97 -18.92
C VAL A 186 -15.15 2.04 -18.40
N LEU A 187 -15.85 1.36 -19.31
CA LEU A 187 -16.91 0.45 -18.88
C LEU A 187 -16.34 -0.82 -18.27
N GLN A 188 -15.18 -1.28 -18.75
CA GLN A 188 -14.55 -2.46 -18.17
C GLN A 188 -14.21 -2.24 -16.69
N ILE A 189 -13.63 -1.09 -16.37
CA ILE A 189 -13.26 -0.80 -14.99
C ILE A 189 -14.51 -0.62 -14.14
N LEU A 190 -15.50 0.11 -14.65
CA LEU A 190 -16.73 0.31 -13.89
C LEU A 190 -17.43 -1.00 -13.57
N ASP A 191 -17.35 -1.97 -14.48
CA ASP A 191 -17.92 -3.28 -14.21
C ASP A 191 -17.12 -4.01 -13.13
N LEU A 192 -15.81 -3.77 -13.07
CA LEU A 192 -15.02 -4.33 -11.97
C LEU A 192 -15.40 -3.69 -10.64
N TYR A 193 -15.69 -2.39 -10.65
CA TYR A 193 -16.15 -1.73 -9.43
C TYR A 193 -17.48 -2.33 -8.95
N ALA A 194 -18.37 -2.65 -9.89
CA ALA A 194 -19.63 -3.28 -9.52
C ALA A 194 -19.40 -4.66 -8.92
N GLN A 195 -18.42 -5.41 -9.45
CA GLN A 195 -18.09 -6.70 -8.88
C GLN A 195 -17.56 -6.56 -7.46
N VAL A 196 -16.78 -5.51 -7.20
CA VAL A 196 -16.22 -5.30 -5.86
C VAL A 196 -17.34 -5.12 -4.85
N TYR A 197 -18.38 -4.37 -5.22
CA TYR A 197 -19.48 -4.12 -4.29
C TYR A 197 -20.46 -5.28 -4.24
N GLU A 198 -20.81 -5.85 -5.39
CA GLU A 198 -21.87 -6.85 -5.44
C GLU A 198 -21.35 -8.24 -5.05
N GLU A 199 -20.12 -8.58 -5.43
CA GLU A 199 -19.62 -9.93 -5.24
C GLU A 199 -18.68 -10.07 -4.04
N LEU A 200 -18.09 -8.97 -3.57
CA LEU A 200 -17.22 -9.02 -2.39
C LEU A 200 -17.90 -8.44 -1.15
N LEU A 201 -18.54 -7.28 -1.28
CA LEU A 201 -19.23 -6.64 -0.17
C LEU A 201 -20.72 -6.97 -0.15
N ALA A 202 -21.22 -7.69 -1.15
CA ALA A 202 -22.64 -8.06 -1.24
C ALA A 202 -23.54 -6.83 -1.20
N ILE A 203 -23.17 -5.83 -1.99
CA ILE A 203 -23.87 -4.55 -2.04
C ILE A 203 -24.29 -4.30 -3.49
N PRO A 204 -25.59 -4.20 -3.78
CA PRO A 204 -26.01 -3.87 -5.15
C PRO A 204 -25.72 -2.42 -5.47
N VAL A 205 -25.34 -2.17 -6.72
CA VAL A 205 -25.01 -0.83 -7.18
C VAL A 205 -25.70 -0.58 -8.52
N VAL A 206 -25.84 0.69 -8.86
CA VAL A 206 -26.51 1.13 -10.09
C VAL A 206 -25.45 1.75 -10.99
N LYS A 207 -25.16 1.08 -12.10
CA LYS A 207 -24.26 1.66 -13.09
C LYS A 207 -24.92 2.84 -13.78
N GLY A 208 -24.16 3.92 -13.97
CA GLY A 208 -24.72 5.10 -14.58
C GLY A 208 -23.65 6.10 -14.95
N ARG A 209 -24.10 7.22 -15.50
CA ARG A 209 -23.22 8.31 -15.92
C ARG A 209 -23.51 9.54 -15.08
N LYS A 210 -22.46 10.27 -14.72
CA LYS A 210 -22.63 11.52 -13.98
C LYS A 210 -23.20 12.60 -14.89
N THR A 211 -23.91 13.54 -14.27
CA THR A 211 -24.43 14.68 -15.02
C THR A 211 -23.32 15.68 -15.29
N GLU A 212 -23.63 16.68 -16.13
CA GLU A 212 -22.65 17.69 -16.47
C GLU A 212 -22.22 18.51 -15.26
N LYS A 213 -23.10 18.63 -14.25
CA LYS A 213 -22.73 19.34 -13.04
C LYS A 213 -21.79 18.50 -12.18
N GLU A 214 -22.09 17.22 -12.02
CA GLU A 214 -21.34 16.34 -11.14
C GLU A 214 -20.22 15.58 -11.84
N LYS A 215 -20.01 15.80 -13.13
CA LYS A 215 -18.96 15.09 -13.84
C LYS A 215 -17.58 15.53 -13.34
N PHE A 216 -16.58 14.72 -13.67
CA PHE A 216 -15.21 15.05 -13.32
C PHE A 216 -14.75 16.26 -14.12
N ALA A 217 -14.46 17.35 -13.41
CA ALA A 217 -14.02 18.59 -14.07
C ALA A 217 -12.73 18.34 -14.85
N GLY A 218 -12.79 18.44 -16.17
CA GLY A 218 -11.67 18.20 -17.04
C GLY A 218 -11.83 16.99 -17.94
N GLY A 219 -12.87 16.17 -17.73
CA GLY A 219 -13.14 15.04 -18.58
C GLY A 219 -14.30 15.31 -19.53
N ASP A 220 -14.59 14.31 -20.36
CA ASP A 220 -15.73 14.39 -21.25
C ASP A 220 -16.99 13.79 -20.65
N TYR A 221 -16.87 12.64 -19.97
CA TYR A 221 -17.99 12.08 -19.24
C TYR A 221 -17.45 11.23 -18.10
N THR A 222 -18.31 11.01 -17.10
CA THR A 222 -17.95 10.26 -15.90
C THR A 222 -18.98 9.17 -15.67
N THR A 223 -18.52 7.92 -15.64
CA THR A 223 -19.36 6.80 -15.22
C THR A 223 -19.17 6.55 -13.73
N THR A 224 -20.20 5.97 -13.11
CA THR A 224 -20.20 5.81 -11.67
C THR A 224 -21.11 4.66 -11.28
N ILE A 225 -20.93 4.18 -10.04
CA ILE A 225 -21.82 3.22 -9.42
C ILE A 225 -22.35 3.83 -8.13
N GLU A 226 -23.65 3.72 -7.91
CA GLU A 226 -24.32 4.33 -6.78
C GLU A 226 -24.96 3.26 -5.92
N ALA A 227 -24.72 3.32 -4.60
CA ALA A 227 -25.31 2.41 -3.64
C ALA A 227 -26.24 3.18 -2.72
N PHE A 228 -27.16 2.45 -2.08
CA PHE A 228 -28.18 3.06 -1.24
C PHE A 228 -28.08 2.55 0.18
N ILE A 229 -28.26 3.45 1.14
CA ILE A 229 -28.23 3.14 2.56
C ILE A 229 -29.63 3.44 3.10
N SER A 230 -30.43 2.40 3.29
CA SER A 230 -31.82 2.58 3.70
C SER A 230 -31.95 3.07 5.13
N ALA A 231 -30.91 2.90 5.96
CA ALA A 231 -30.99 3.37 7.34
C ALA A 231 -31.12 4.88 7.41
N SER A 232 -30.49 5.60 6.49
CA SER A 232 -30.56 7.06 6.45
C SER A 232 -31.32 7.58 5.24
N GLY A 233 -31.78 6.71 4.34
CA GLY A 233 -32.44 7.16 3.14
C GLY A 233 -31.56 7.91 2.18
N ARG A 234 -30.24 7.79 2.32
CA ARG A 234 -29.29 8.51 1.50
C ARG A 234 -28.46 7.53 0.67
N ALA A 235 -28.11 7.97 -0.54
CA ALA A 235 -27.25 7.20 -1.42
C ALA A 235 -25.83 7.71 -1.33
N ILE A 236 -24.90 6.94 -1.90
CA ILE A 236 -23.48 7.29 -1.84
C ILE A 236 -22.78 6.68 -3.05
N GLN A 237 -21.83 7.43 -3.61
CA GLN A 237 -21.07 6.97 -4.76
C GLN A 237 -20.04 5.93 -4.34
N GLY A 238 -20.05 4.78 -5.01
CA GLY A 238 -19.12 3.70 -4.68
C GLY A 238 -17.81 3.77 -5.45
N GLY A 239 -17.82 4.43 -6.59
CA GLY A 239 -16.63 4.54 -7.39
C GLY A 239 -16.95 5.22 -8.70
N THR A 240 -15.90 5.67 -9.39
CA THR A 240 -16.04 6.38 -10.65
C THR A 240 -14.98 5.94 -11.63
N SER A 241 -15.35 5.96 -12.91
CA SER A 241 -14.46 5.70 -14.03
C SER A 241 -14.67 6.79 -15.06
N HIS A 242 -13.65 7.64 -15.26
CA HIS A 242 -13.78 8.81 -16.11
C HIS A 242 -13.12 8.57 -17.47
N HIS A 243 -13.69 9.18 -18.49
CA HIS A 243 -13.05 9.32 -19.79
C HIS A 243 -12.63 10.78 -19.92
N LEU A 244 -11.33 11.03 -19.83
CA LEU A 244 -10.81 12.39 -19.85
C LEU A 244 -10.71 12.99 -21.24
N GLY A 245 -10.86 12.17 -22.28
CA GLY A 245 -10.80 12.69 -23.64
C GLY A 245 -9.40 13.20 -23.94
N GLN A 246 -9.31 14.45 -24.36
CA GLN A 246 -8.04 15.07 -24.71
C GLN A 246 -7.77 16.36 -23.94
N ASN A 247 -8.55 16.65 -22.89
CA ASN A 247 -8.39 17.90 -22.17
C ASN A 247 -7.07 17.93 -21.40
N PHE A 248 -6.58 16.77 -20.96
CA PHE A 248 -5.29 16.70 -20.31
C PHE A 248 -4.14 16.48 -21.29
N SER A 249 -4.38 15.75 -22.37
CA SER A 249 -3.33 15.53 -23.37
C SER A 249 -2.97 16.81 -24.10
N LYS A 250 -3.92 17.74 -24.24
CA LYS A 250 -3.64 18.99 -24.94
C LYS A 250 -3.00 20.04 -24.03
N MET A 251 -3.12 19.88 -22.71
CA MET A 251 -2.44 20.78 -21.78
C MET A 251 -1.06 20.27 -21.37
N PHE A 252 -0.87 18.95 -21.33
CA PHE A 252 0.41 18.36 -20.96
C PHE A 252 1.21 17.88 -22.17
N GLU A 253 0.68 18.03 -23.38
CA GLU A 253 1.39 17.70 -24.61
C GLU A 253 1.78 16.22 -24.67
N ILE A 254 0.79 15.36 -24.44
CA ILE A 254 0.97 13.91 -24.58
C ILE A 254 0.62 13.59 -26.04
N VAL A 255 1.58 13.88 -26.93
CA VAL A 255 1.33 13.85 -28.35
C VAL A 255 2.07 12.67 -28.98
N PHE A 256 1.64 12.29 -30.18
CA PHE A 256 2.25 11.19 -30.91
C PHE A 256 2.00 11.41 -32.40
N GLU A 257 2.79 10.71 -33.22
CA GLU A 257 2.68 10.78 -34.67
C GLU A 257 1.99 9.53 -35.18
N ASP A 258 0.89 9.70 -35.90
CA ASP A 258 0.14 8.58 -36.46
C ASP A 258 0.74 8.16 -37.79
N PRO A 259 1.00 6.87 -38.00
CA PRO A 259 1.51 6.43 -39.31
C PRO A 259 0.54 6.69 -40.45
N LYS A 260 -0.77 6.65 -40.18
CA LYS A 260 -1.75 6.91 -41.23
C LYS A 260 -1.83 8.40 -41.57
N ILE A 261 -1.90 9.24 -40.55
CA ILE A 261 -1.95 10.69 -40.77
C ILE A 261 -0.71 11.32 -40.13
N PRO A 262 0.26 11.78 -40.93
CA PRO A 262 1.46 12.40 -40.35
C PRO A 262 1.36 13.91 -40.33
N GLY A 263 2.27 14.55 -39.60
CA GLY A 263 2.26 16.01 -39.48
C GLY A 263 1.28 16.56 -38.48
N GLU A 264 0.01 16.19 -38.59
CA GLU A 264 -1.01 16.61 -37.63
C GLU A 264 -0.68 15.99 -36.28
N LYS A 265 -0.34 16.82 -35.30
CA LYS A 265 0.00 16.34 -33.97
C LYS A 265 -1.24 15.78 -33.29
N GLN A 266 -1.28 14.47 -33.10
CA GLN A 266 -2.41 13.81 -32.45
C GLN A 266 -2.21 13.77 -30.95
N PHE A 267 -3.31 13.97 -30.22
CA PHE A 267 -3.29 13.92 -28.76
C PHE A 267 -3.91 12.62 -28.28
N ALA A 268 -3.37 12.09 -27.19
CA ALA A 268 -3.80 10.81 -26.67
C ALA A 268 -5.13 10.93 -25.93
N TYR A 269 -5.95 9.88 -26.05
CA TYR A 269 -7.19 9.78 -25.28
C TYR A 269 -6.89 9.08 -23.97
N GLN A 270 -7.35 9.67 -22.86
CA GLN A 270 -6.97 9.22 -21.54
C GLN A 270 -8.20 8.90 -20.69
N ASN A 271 -8.03 7.96 -19.77
CA ASN A 271 -9.03 7.62 -18.77
C ASN A 271 -8.41 7.67 -17.39
N SER A 272 -9.26 7.85 -16.37
CA SER A 272 -8.86 7.76 -14.98
C SER A 272 -10.00 7.15 -14.17
N TRP A 273 -9.63 6.25 -13.27
CA TRP A 273 -10.61 5.50 -12.49
C TRP A 273 -10.11 5.32 -11.06
N GLY A 274 -11.01 5.46 -10.10
CA GLY A 274 -10.63 5.43 -8.70
C GLY A 274 -11.66 4.74 -7.83
N LEU A 275 -11.16 4.13 -6.75
CA LEU A 275 -11.97 3.46 -5.75
C LEU A 275 -11.27 3.58 -4.42
N THR A 276 -12.00 3.97 -3.37
CA THR A 276 -11.43 4.37 -2.10
C THR A 276 -11.85 3.42 -0.98
N THR A 277 -11.36 3.71 0.23
CA THR A 277 -11.73 2.97 1.44
C THR A 277 -13.15 3.26 1.89
N ARG A 278 -13.89 4.10 1.15
CA ARG A 278 -15.31 4.28 1.43
C ARG A 278 -16.06 2.96 1.35
N THR A 279 -15.57 2.02 0.54
CA THR A 279 -16.11 0.67 0.43
C THR A 279 -16.40 0.06 1.78
N ILE A 280 -15.46 0.21 2.73
CA ILE A 280 -15.65 -0.37 4.06
C ILE A 280 -16.78 0.33 4.79
N GLY A 281 -16.95 1.64 4.60
CA GLY A 281 -18.02 2.35 5.27
C GLY A 281 -19.39 1.98 4.75
N VAL A 282 -19.52 1.79 3.44
CA VAL A 282 -20.79 1.37 2.87
C VAL A 282 -21.13 -0.04 3.32
N MET A 283 -20.11 -0.91 3.42
CA MET A 283 -20.33 -2.26 3.95
C MET A 283 -20.88 -2.21 5.37
N THR A 284 -20.42 -1.24 6.16
CA THR A 284 -20.90 -1.11 7.53
C THR A 284 -22.34 -0.63 7.57
N MET A 285 -22.68 0.36 6.74
CA MET A 285 -24.01 0.93 6.75
C MET A 285 -25.06 -0.03 6.21
N VAL A 286 -24.70 -0.84 5.21
CA VAL A 286 -25.68 -1.70 4.56
C VAL A 286 -25.98 -2.92 5.40
N HIS A 287 -24.95 -3.64 5.84
CA HIS A 287 -25.12 -4.93 6.48
C HIS A 287 -25.10 -4.88 8.00
N GLY A 288 -24.67 -3.77 8.59
CA GLY A 288 -24.57 -3.70 10.04
C GLY A 288 -25.93 -3.73 10.70
N ASP A 289 -25.96 -4.27 11.92
CA ASP A 289 -27.19 -4.34 12.70
C ASP A 289 -26.97 -3.83 14.12
N ASN A 290 -27.97 -3.99 14.98
CA ASN A 290 -27.86 -3.52 16.36
C ASN A 290 -27.01 -4.42 17.25
N MET A 291 -26.48 -5.51 16.71
CA MET A 291 -25.52 -6.34 17.43
C MET A 291 -24.07 -5.99 17.11
N GLY A 292 -23.83 -5.23 16.05
CA GLY A 292 -22.49 -4.84 15.69
C GLY A 292 -22.22 -4.90 14.20
N LEU A 293 -20.98 -5.15 13.83
CA LEU A 293 -20.61 -5.27 12.43
C LEU A 293 -21.11 -6.60 11.86
N VAL A 294 -21.26 -6.64 10.54
CA VAL A 294 -21.65 -7.86 9.82
C VAL A 294 -20.78 -7.93 8.57
N LEU A 295 -19.79 -8.83 8.57
CA LEU A 295 -18.83 -8.94 7.47
C LEU A 295 -19.33 -9.92 6.43
N PRO A 296 -19.30 -9.55 5.14
CA PRO A 296 -19.47 -10.53 4.08
C PRO A 296 -18.33 -11.54 4.13
N PRO A 297 -18.63 -12.84 4.04
CA PRO A 297 -17.57 -13.85 4.20
C PRO A 297 -16.44 -13.74 3.20
N ARG A 298 -16.65 -13.10 2.05
CA ARG A 298 -15.59 -13.01 1.05
C ARG A 298 -14.56 -11.95 1.40
N VAL A 299 -14.88 -11.01 2.28
CA VAL A 299 -13.93 -9.99 2.73
C VAL A 299 -13.63 -10.08 4.21
N ALA A 300 -14.23 -11.03 4.92
CA ALA A 300 -13.99 -11.14 6.35
C ALA A 300 -12.57 -11.60 6.63
N CYS A 301 -11.90 -10.91 7.57
CA CYS A 301 -10.53 -11.28 7.94
C CYS A 301 -10.47 -12.73 8.39
N VAL A 302 -11.35 -13.11 9.31
CA VAL A 302 -11.56 -14.51 9.69
C VAL A 302 -13.00 -14.86 9.36
N GLN A 303 -13.19 -15.98 8.67
CA GLN A 303 -14.53 -16.41 8.25
C GLN A 303 -15.23 -17.22 9.32
N VAL A 304 -14.50 -18.03 10.08
CA VAL A 304 -15.05 -18.86 11.14
C VAL A 304 -14.18 -18.69 12.38
N VAL A 305 -14.80 -18.33 13.50
CA VAL A 305 -14.10 -18.23 14.78
C VAL A 305 -14.45 -19.45 15.61
N ILE A 306 -13.44 -19.99 16.30
CA ILE A 306 -13.61 -21.19 17.13
C ILE A 306 -13.33 -20.80 18.57
N ILE A 307 -14.29 -21.07 19.45
CA ILE A 307 -14.16 -20.75 20.86
C ILE A 307 -14.64 -21.93 21.69
N PRO A 308 -13.82 -22.46 22.60
CA PRO A 308 -14.28 -23.57 23.44
C PRO A 308 -15.31 -23.12 24.46
N CYS A 309 -16.31 -23.97 24.67
CA CYS A 309 -17.39 -23.69 25.61
C CYS A 309 -17.32 -24.66 26.79
N GLY A 310 -17.79 -24.19 27.94
CA GLY A 310 -17.78 -25.00 29.15
C GLY A 310 -16.42 -25.04 29.83
N ASN A 313 -14.24 -25.26 36.64
CA ASN A 313 -13.10 -24.97 37.49
C ASN A 313 -12.49 -26.27 38.04
N ALA A 314 -13.37 -27.21 38.39
CA ALA A 314 -12.94 -28.49 38.94
C ALA A 314 -12.72 -29.54 37.87
N LEU A 315 -12.91 -29.21 36.60
CA LEU A 315 -12.66 -30.16 35.53
C LEU A 315 -11.18 -30.49 35.47
N SER A 316 -10.87 -31.77 35.22
CA SER A 316 -9.49 -32.22 35.20
C SER A 316 -8.73 -31.54 34.06
N GLU A 317 -7.44 -31.29 34.31
CA GLU A 317 -6.60 -30.61 33.34
C GLU A 317 -6.26 -31.50 32.14
N GLU A 318 -6.49 -32.80 32.22
CA GLU A 318 -6.19 -33.69 31.10
C GLU A 318 -7.15 -33.43 29.94
N ASP A 319 -8.45 -33.37 30.24
CA ASP A 319 -9.45 -33.10 29.21
C ASP A 319 -9.44 -31.65 28.76
N LYS A 320 -8.74 -30.76 29.47
CA LYS A 320 -8.64 -29.38 29.02
C LYS A 320 -7.76 -29.25 27.79
N GLU A 321 -6.66 -30.00 27.75
CA GLU A 321 -5.80 -30.04 26.56
C GLU A 321 -6.41 -30.85 25.43
N ALA A 322 -7.54 -31.51 25.66
CA ALA A 322 -8.18 -32.34 24.64
C ALA A 322 -9.13 -31.53 23.77
N LEU A 323 -10.01 -30.73 24.37
CA LEU A 323 -10.98 -29.97 23.59
C LEU A 323 -10.31 -28.81 22.85
N ILE A 324 -9.24 -28.24 23.41
CA ILE A 324 -8.50 -27.22 22.68
C ILE A 324 -7.75 -27.82 21.50
N ALA A 325 -7.46 -29.12 21.54
CA ALA A 325 -6.84 -29.79 20.41
C ALA A 325 -7.84 -30.01 19.28
N LYS A 326 -9.09 -30.35 19.63
CA LYS A 326 -10.12 -30.43 18.60
C LYS A 326 -10.38 -29.07 17.97
N CYS A 327 -10.27 -28.00 18.75
CA CYS A 327 -10.32 -26.65 18.19
C CYS A 327 -9.18 -26.43 17.21
N ASN A 328 -7.96 -26.79 17.60
CA ASN A 328 -6.83 -26.75 16.67
C ASN A 328 -6.99 -27.77 15.56
N ASP A 329 -7.72 -28.85 15.82
CA ASP A 329 -8.01 -29.81 14.76
C ASP A 329 -8.98 -29.22 13.74
N TYR A 330 -10.01 -28.52 14.21
CA TYR A 330 -10.92 -27.82 13.31
C TYR A 330 -10.20 -26.70 12.56
N ARG A 331 -9.44 -25.88 13.30
CA ARG A 331 -8.74 -24.76 12.70
C ARG A 331 -7.79 -25.22 11.58
N ARG A 332 -7.13 -26.35 11.79
CA ARG A 332 -6.16 -26.83 10.80
C ARG A 332 -6.86 -27.44 9.58
N ARG A 333 -8.04 -28.03 9.79
CA ARG A 333 -8.77 -28.62 8.66
C ARG A 333 -9.33 -27.54 7.74
N LEU A 334 -9.85 -26.46 8.31
CA LEU A 334 -10.42 -25.39 7.50
C LEU A 334 -9.35 -24.64 6.72
N LEU A 335 -8.11 -24.61 7.23
CA LEU A 335 -7.04 -23.96 6.49
C LEU A 335 -6.65 -24.74 5.25
N SER A 336 -6.83 -26.06 5.26
CA SER A 336 -6.51 -26.85 4.08
C SER A 336 -7.55 -26.69 2.99
N VAL A 337 -8.78 -26.29 3.35
CA VAL A 337 -9.84 -26.15 2.37
C VAL A 337 -10.00 -24.66 2.06
N ASN A 338 -9.01 -23.88 2.46
CA ASN A 338 -8.94 -22.46 2.15
C ASN A 338 -10.09 -21.69 2.80
N ILE A 339 -10.12 -21.75 4.13
CA ILE A 339 -11.11 -21.01 4.93
C ILE A 339 -10.35 -20.29 6.03
N ARG A 340 -10.46 -18.96 6.06
CA ARG A 340 -9.78 -18.16 7.07
C ARG A 340 -10.45 -18.36 8.42
N VAL A 341 -9.72 -18.95 9.36
CA VAL A 341 -10.26 -19.35 10.65
C VAL A 341 -9.33 -18.88 11.76
N ARG A 342 -9.90 -18.42 12.87
CA ARG A 342 -9.14 -18.04 14.05
C ARG A 342 -9.61 -18.88 15.24
N ALA A 343 -8.64 -19.35 16.03
CA ALA A 343 -8.91 -20.16 17.21
C ALA A 343 -8.69 -19.29 18.43
N ASP A 344 -9.78 -18.91 19.09
CA ASP A 344 -9.72 -18.04 20.27
C ASP A 344 -9.54 -18.91 21.50
N LEU A 345 -8.31 -19.39 21.69
CA LEU A 345 -7.95 -20.22 22.84
C LEU A 345 -7.47 -19.39 24.02
N ARG A 346 -7.78 -18.09 24.06
CA ARG A 346 -7.35 -17.25 25.17
C ARG A 346 -8.13 -17.61 26.43
N ASP A 347 -7.41 -17.72 27.55
CA ASP A 347 -8.00 -18.14 28.81
C ASP A 347 -8.32 -16.98 29.75
N ASN A 348 -7.83 -15.78 29.47
CA ASN A 348 -8.07 -14.62 30.31
C ASN A 348 -9.39 -13.92 29.99
N TYR A 349 -10.20 -14.48 29.09
CA TYR A 349 -11.50 -13.91 28.75
C TYR A 349 -12.58 -14.95 28.93
N SER A 350 -13.76 -14.51 29.38
CA SER A 350 -14.88 -15.42 29.55
C SER A 350 -15.48 -15.79 28.20
N PRO A 351 -16.10 -16.98 28.10
CA PRO A 351 -16.69 -17.37 26.81
C PRO A 351 -17.78 -16.44 26.34
N GLY A 352 -18.59 -15.89 27.25
CA GLY A 352 -19.59 -14.92 26.86
C GLY A 352 -18.99 -13.61 26.39
N TRP A 353 -17.82 -13.25 26.91
CA TRP A 353 -17.14 -12.04 26.44
C TRP A 353 -16.73 -12.17 24.99
N LYS A 354 -16.04 -13.28 24.65
CA LYS A 354 -15.63 -13.50 23.27
C LYS A 354 -16.81 -13.75 22.34
N PHE A 355 -17.96 -14.15 22.89
CA PHE A 355 -19.15 -14.30 22.06
C PHE A 355 -19.56 -12.97 21.45
N ASN A 356 -19.81 -11.96 22.29
CA ASN A 356 -20.15 -10.64 21.76
C ASN A 356 -18.94 -9.96 21.12
N HIS A 357 -17.73 -10.31 21.55
CA HIS A 357 -16.54 -9.67 20.99
C HIS A 357 -16.37 -9.98 19.51
N TRP A 358 -16.75 -11.19 19.09
CA TRP A 358 -16.55 -11.57 17.70
C TRP A 358 -17.74 -11.25 16.81
N GLU A 359 -18.95 -11.17 17.37
CA GLU A 359 -20.09 -10.72 16.59
C GLU A 359 -20.24 -9.20 16.59
N LEU A 360 -19.56 -8.51 17.50
CA LEU A 360 -19.35 -7.07 17.32
C LEU A 360 -18.42 -6.81 16.14
N LYS A 361 -17.44 -7.69 15.95
CA LYS A 361 -16.57 -7.62 14.77
C LYS A 361 -17.22 -8.19 13.53
N GLY A 362 -18.21 -9.05 13.69
CA GLY A 362 -18.99 -9.53 12.55
C GLY A 362 -18.44 -10.74 11.84
N VAL A 363 -17.80 -11.66 12.54
CA VAL A 363 -17.35 -12.90 11.89
C VAL A 363 -18.56 -13.71 11.46
N PRO A 364 -18.63 -14.17 10.22
CA PRO A 364 -19.88 -14.78 9.72
C PRO A 364 -20.31 -16.03 10.48
N ILE A 365 -19.38 -16.82 11.00
CA ILE A 365 -19.70 -18.08 11.65
C ILE A 365 -18.96 -18.18 12.98
N ARG A 366 -19.68 -18.54 14.03
CA ARG A 366 -19.11 -18.83 15.34
C ARG A 366 -19.20 -20.32 15.59
N LEU A 367 -18.06 -20.96 15.82
CA LEU A 367 -17.99 -22.40 16.05
C LEU A 367 -17.87 -22.64 17.55
N GLU A 368 -18.90 -23.27 18.13
CA GLU A 368 -18.92 -23.60 19.54
C GLU A 368 -18.63 -25.07 19.74
N VAL A 369 -17.86 -25.38 20.78
CA VAL A 369 -17.50 -26.76 21.08
C VAL A 369 -17.57 -27.00 22.59
N GLY A 370 -18.69 -27.52 23.06
CA GLY A 370 -18.83 -27.90 24.45
C GLY A 370 -18.19 -29.24 24.71
N PRO A 371 -18.02 -29.54 26.00
CA PRO A 371 -17.45 -30.84 26.37
C PRO A 371 -18.31 -32.01 25.92
N ARG A 372 -19.63 -31.89 26.04
CA ARG A 372 -20.51 -32.96 25.58
C ARG A 372 -20.59 -33.03 24.07
N ASP A 373 -20.52 -31.88 23.39
CA ASP A 373 -20.53 -31.88 21.92
C ASP A 373 -19.29 -32.56 21.35
N MET A 374 -18.14 -32.37 22.01
CA MET A 374 -16.91 -32.99 21.53
C MET A 374 -16.98 -34.51 21.63
N LYS A 375 -17.40 -35.02 22.80
CA LYS A 375 -17.53 -36.46 22.97
C LYS A 375 -18.57 -37.06 22.03
N SER A 376 -19.62 -36.29 21.73
CA SER A 376 -20.66 -36.73 20.82
C SER A 376 -20.28 -36.57 19.35
N CYS A 377 -19.04 -36.18 19.07
CA CYS A 377 -18.56 -35.95 17.70
C CYS A 377 -19.44 -34.94 16.97
N GLN A 378 -19.61 -33.77 17.58
CA GLN A 378 -20.44 -32.72 17.02
C GLN A 378 -19.95 -31.37 17.52
N PHE A 379 -20.51 -30.31 16.95
CA PHE A 379 -20.19 -28.96 17.36
C PHE A 379 -21.29 -28.02 16.90
N VAL A 380 -21.39 -26.88 17.58
CA VAL A 380 -22.40 -25.87 17.27
C VAL A 380 -21.83 -24.87 16.28
N ALA A 381 -22.65 -24.44 15.33
CA ALA A 381 -22.28 -23.44 14.35
C ALA A 381 -23.34 -22.35 14.34
N VAL A 382 -22.99 -21.19 14.89
CA VAL A 382 -23.92 -20.06 15.00
C VAL A 382 -23.65 -19.10 13.86
N ARG A 383 -24.73 -18.70 13.17
CA ARG A 383 -24.63 -17.74 12.07
C ARG A 383 -24.74 -16.32 12.61
N ARG A 384 -24.00 -15.41 11.98
CA ARG A 384 -23.97 -14.01 12.42
C ARG A 384 -25.10 -13.19 11.83
N ASP A 385 -25.44 -13.41 10.56
CA ASP A 385 -26.44 -12.58 9.90
C ASP A 385 -27.83 -12.80 10.47
N THR A 386 -28.18 -14.05 10.79
CA THR A 386 -29.51 -14.38 11.27
C THR A 386 -29.55 -14.87 12.70
N GLY A 387 -28.49 -15.51 13.19
CA GLY A 387 -28.47 -16.01 14.55
C GLY A 387 -28.89 -17.46 14.70
N GLU A 388 -29.04 -18.20 13.61
CA GLU A 388 -29.49 -19.58 13.68
C GLU A 388 -28.34 -20.50 14.08
N LYS A 389 -28.55 -21.27 15.14
CA LYS A 389 -27.57 -22.26 15.57
C LYS A 389 -27.82 -23.58 14.86
N LEU A 390 -26.76 -24.35 14.68
CA LEU A 390 -26.85 -25.63 13.98
C LEU A 390 -25.82 -26.59 14.56
N THR A 391 -26.29 -27.66 15.18
CA THR A 391 -25.40 -28.71 15.65
C THR A 391 -24.90 -29.53 14.47
N VAL A 392 -23.60 -29.46 14.21
CA VAL A 392 -22.99 -30.06 13.02
C VAL A 392 -22.08 -31.20 13.46
N ALA A 393 -22.15 -32.32 12.75
CA ALA A 393 -21.26 -33.43 13.02
C ALA A 393 -19.82 -33.04 12.69
N GLU A 394 -18.88 -33.66 13.40
CA GLU A 394 -17.48 -33.27 13.29
C GLU A 394 -16.85 -33.64 11.96
N ASN A 395 -17.51 -34.49 11.15
CA ASN A 395 -17.04 -34.81 9.82
C ASN A 395 -17.67 -33.95 8.73
N GLU A 396 -18.42 -32.92 9.12
CA GLU A 396 -19.10 -32.03 8.18
C GLU A 396 -18.55 -30.62 8.21
N ALA A 397 -17.46 -30.38 8.93
CA ALA A 397 -16.99 -29.01 9.14
C ALA A 397 -16.43 -28.39 7.86
N GLU A 398 -15.81 -29.20 6.99
CA GLU A 398 -15.13 -28.63 5.83
C GLU A 398 -16.09 -28.36 4.68
N THR A 399 -17.09 -29.20 4.50
CA THR A 399 -18.00 -29.05 3.36
C THR A 399 -19.25 -28.24 3.71
N LYS A 400 -19.74 -28.33 4.94
CA LYS A 400 -20.97 -27.62 5.29
C LYS A 400 -20.71 -26.17 5.68
N LEU A 401 -19.66 -25.91 6.46
CA LEU A 401 -19.34 -24.54 6.83
C LEU A 401 -19.01 -23.70 5.61
N GLN A 402 -18.35 -24.32 4.61
CA GLN A 402 -18.15 -23.63 3.34
C GLN A 402 -19.48 -23.36 2.65
N ALA A 403 -20.45 -24.26 2.80
CA ALA A 403 -21.77 -24.02 2.22
C ALA A 403 -22.54 -22.99 3.02
N ILE A 404 -22.32 -22.92 4.33
CA ILE A 404 -22.99 -21.89 5.14
C ILE A 404 -22.40 -20.51 4.82
N LEU A 405 -21.07 -20.42 4.75
CA LEU A 405 -20.43 -19.15 4.45
C LEU A 405 -20.88 -18.59 3.10
N GLU A 406 -21.01 -19.47 2.10
CA GLU A 406 -21.51 -19.01 0.81
C GLU A 406 -22.98 -18.64 0.89
N ASP A 407 -23.74 -19.27 1.80
CA ASP A 407 -25.13 -18.89 1.99
C ASP A 407 -25.25 -17.57 2.73
N ILE A 408 -24.26 -17.25 3.58
CA ILE A 408 -24.22 -15.91 4.19
C ILE A 408 -24.06 -14.85 3.12
N GLN A 409 -23.12 -15.07 2.18
CA GLN A 409 -22.81 -14.06 1.18
C GLN A 409 -24.02 -13.76 0.30
N VAL A 410 -24.78 -14.79 -0.08
CA VAL A 410 -25.88 -14.59 -1.02
C VAL A 410 -27.08 -13.94 -0.33
N THR A 411 -27.36 -14.32 0.91
CA THR A 411 -28.52 -13.75 1.60
C THR A 411 -28.27 -12.29 1.98
N LEU A 412 -27.03 -11.93 2.31
CA LEU A 412 -26.72 -10.53 2.56
C LEU A 412 -26.94 -9.68 1.31
N PHE A 413 -26.63 -10.24 0.14
CA PHE A 413 -26.79 -9.49 -1.11
C PHE A 413 -28.24 -9.50 -1.58
N THR A 414 -28.92 -10.65 -1.50
CA THR A 414 -30.31 -10.72 -1.94
C THR A 414 -31.21 -9.87 -1.04
N ARG A 415 -30.88 -9.76 0.25
CA ARG A 415 -31.63 -8.87 1.12
C ARG A 415 -31.33 -7.40 0.80
N ALA A 416 -30.05 -7.08 0.57
CA ALA A 416 -29.68 -5.71 0.24
C ALA A 416 -30.25 -5.30 -1.11
N SER A 417 -30.27 -6.22 -2.08
CA SER A 417 -30.82 -5.90 -3.39
C SER A 417 -32.34 -5.85 -3.37
N GLU A 418 -32.99 -6.70 -2.57
CA GLU A 418 -34.43 -6.54 -2.34
C GLU A 418 -34.72 -5.27 -1.56
N ASP A 419 -33.79 -4.85 -0.70
CA ASP A 419 -33.94 -3.57 -0.03
C ASP A 419 -33.82 -2.40 -1.00
N LEU A 420 -33.01 -2.56 -2.05
CA LEU A 420 -32.84 -1.51 -3.04
C LEU A 420 -33.99 -1.47 -4.03
N LYS A 421 -34.46 -2.65 -4.49
CA LYS A 421 -35.59 -2.69 -5.39
C LYS A 421 -36.82 -2.05 -4.78
N THR A 422 -37.00 -2.17 -3.47
CA THR A 422 -38.14 -1.56 -2.80
C THR A 422 -37.99 -0.04 -2.70
N HIS A 423 -36.75 0.45 -2.59
CA HIS A 423 -36.50 1.85 -2.30
C HIS A 423 -36.10 2.67 -3.53
N MET A 424 -36.27 2.13 -4.74
CA MET A 424 -35.94 2.85 -5.96
C MET A 424 -37.11 2.75 -6.93
N VAL A 425 -37.81 3.87 -7.14
CA VAL A 425 -39.01 3.89 -7.97
C VAL A 425 -38.88 4.97 -9.04
N VAL A 426 -40.00 5.30 -9.68
CA VAL A 426 -40.04 6.30 -10.74
C VAL A 426 -41.09 7.35 -10.39
N ALA A 427 -40.75 8.61 -10.61
CA ALA A 427 -41.68 9.73 -10.46
C ALA A 427 -41.51 10.67 -11.64
N ASN A 428 -42.62 11.26 -12.08
CA ASN A 428 -42.63 12.06 -13.30
C ASN A 428 -42.93 13.53 -13.05
N THR A 429 -43.11 13.94 -11.80
CA THR A 429 -43.38 15.34 -11.48
C THR A 429 -42.83 15.65 -10.09
N MET A 430 -42.73 16.94 -9.79
CA MET A 430 -42.18 17.36 -8.50
C MET A 430 -43.06 16.89 -7.34
N GLU A 431 -44.37 16.84 -7.54
CA GLU A 431 -45.26 16.39 -6.47
C GLU A 431 -44.96 14.95 -6.08
N ASP A 432 -44.77 14.08 -7.07
CA ASP A 432 -44.41 12.69 -6.79
C ASP A 432 -42.95 12.57 -6.40
N PHE A 433 -42.06 13.27 -7.11
CA PHE A 433 -40.63 13.16 -6.81
C PHE A 433 -40.31 13.62 -5.40
N GLN A 434 -40.98 14.68 -4.93
CA GLN A 434 -40.75 15.15 -3.57
C GLN A 434 -41.40 14.24 -2.54
N LYS A 435 -42.62 13.76 -2.82
CA LYS A 435 -43.33 12.93 -1.86
C LYS A 435 -42.59 11.63 -1.60
N ILE A 436 -42.17 10.94 -2.66
CA ILE A 436 -41.40 9.71 -2.47
C ILE A 436 -40.01 10.00 -1.93
N LEU A 437 -39.54 11.24 -2.04
CA LEU A 437 -38.25 11.59 -1.46
C LEU A 437 -38.33 11.61 0.07
N ASP A 438 -39.45 12.10 0.62
CA ASP A 438 -39.63 12.06 2.07
C ASP A 438 -39.85 10.64 2.57
N SER A 439 -40.21 9.71 1.69
CA SER A 439 -40.41 8.31 2.04
C SER A 439 -39.12 7.57 2.34
N GLY A 440 -37.98 8.27 2.39
CA GLY A 440 -36.71 7.62 2.60
C GLY A 440 -36.32 6.73 1.46
N LYS A 441 -36.45 7.23 0.23
CA LYS A 441 -36.18 6.44 -0.97
C LYS A 441 -35.56 7.33 -2.03
N ILE A 442 -34.92 6.68 -3.00
CA ILE A 442 -34.38 7.36 -4.18
C ILE A 442 -35.29 7.04 -5.36
N VAL A 443 -35.25 7.91 -6.37
CA VAL A 443 -36.22 7.86 -7.45
C VAL A 443 -35.59 8.40 -8.72
N GLN A 444 -35.86 7.71 -9.83
CA GLN A 444 -35.44 8.17 -11.16
C GLN A 444 -36.53 9.04 -11.77
N ILE A 445 -36.15 10.23 -12.21
CA ILE A 445 -37.11 11.19 -12.77
C ILE A 445 -36.64 11.63 -14.15
N PRO A 446 -37.53 12.06 -15.03
CA PRO A 446 -37.09 12.60 -16.33
C PRO A 446 -36.40 13.94 -16.14
N PHE A 447 -35.21 14.06 -16.71
CA PHE A 447 -34.36 15.22 -16.48
C PHE A 447 -33.94 15.84 -17.81
N CYS A 448 -33.88 17.17 -17.84
CA CYS A 448 -33.44 17.87 -19.04
C CYS A 448 -31.92 17.96 -19.15
N GLY A 449 -31.21 17.87 -18.02
CA GLY A 449 -29.77 17.84 -18.01
C GLY A 449 -29.10 19.16 -17.66
N GLU A 450 -29.84 20.26 -17.72
CA GLU A 450 -29.25 21.57 -17.45
C GLU A 450 -28.73 21.65 -16.02
N ILE A 451 -27.66 22.42 -15.84
CA ILE A 451 -27.00 22.49 -14.53
C ILE A 451 -27.82 23.33 -13.57
N ASP A 452 -28.28 24.51 -14.02
CA ASP A 452 -29.00 25.41 -13.11
C ASP A 452 -30.33 24.81 -12.69
N CYS A 453 -30.96 24.01 -13.55
CA CYS A 453 -32.18 23.30 -13.15
C CYS A 453 -31.88 22.26 -12.08
N GLU A 454 -30.71 21.63 -12.14
CA GLU A 454 -30.32 20.69 -11.09
C GLU A 454 -30.17 21.39 -9.74
N ASP A 455 -29.70 22.63 -9.75
CA ASP A 455 -29.66 23.42 -8.52
C ASP A 455 -31.07 23.72 -8.02
N TRP A 456 -32.02 23.93 -8.94
CA TRP A 456 -33.40 24.19 -8.56
C TRP A 456 -34.03 22.96 -7.90
N ILE A 457 -33.65 21.76 -8.32
CA ILE A 457 -34.14 20.55 -7.67
C ILE A 457 -33.59 20.45 -6.25
N LYS A 458 -32.28 20.65 -6.10
CA LYS A 458 -31.67 20.63 -4.78
C LYS A 458 -32.14 21.78 -3.89
N LYS A 459 -32.82 22.77 -4.45
CA LYS A 459 -33.34 23.89 -3.67
C LYS A 459 -34.77 23.64 -3.21
N THR A 460 -35.67 23.32 -4.15
CA THR A 460 -37.07 23.13 -3.83
C THR A 460 -37.36 21.81 -3.12
N THR A 461 -36.38 20.90 -3.04
CA THR A 461 -36.57 19.68 -2.26
C THR A 461 -36.28 19.92 -0.78
N ALA A 462 -35.20 20.64 -0.47
CA ALA A 462 -34.94 21.03 0.90
C ALA A 462 -35.90 22.13 1.37
N ARG A 463 -36.52 22.84 0.45
CA ARG A 463 -37.49 23.87 0.82
C ARG A 463 -38.84 23.26 1.19
N ASP A 464 -39.32 22.30 0.39
CA ASP A 464 -40.61 21.67 0.59
C ASP A 464 -40.49 20.26 1.16
N GLN A 465 -39.62 20.07 2.15
CA GLN A 465 -39.37 18.75 2.70
C GLN A 465 -40.31 18.47 3.86
N ASP A 466 -40.96 17.30 3.81
CA ASP A 466 -41.82 16.84 4.90
C ASP A 466 -41.00 15.87 5.75
N LEU A 467 -40.22 16.44 6.66
CA LEU A 467 -39.30 15.67 7.48
C LEU A 467 -39.99 15.21 8.78
N GLU A 468 -39.22 14.56 9.63
CA GLU A 468 -39.67 14.05 10.91
C GLU A 468 -38.73 14.52 12.00
N PRO A 469 -39.19 14.58 13.25
CA PRO A 469 -38.30 15.00 14.34
C PRO A 469 -37.15 14.02 14.54
N GLY A 470 -35.94 14.52 14.34
CA GLY A 470 -34.72 13.73 14.49
C GLY A 470 -33.90 13.60 13.22
N ALA A 471 -34.48 13.87 12.06
CA ALA A 471 -33.78 13.74 10.78
C ALA A 471 -33.71 15.10 10.09
N PRO A 472 -32.53 15.61 9.79
CA PRO A 472 -32.43 16.88 9.05
C PRO A 472 -32.81 16.69 7.59
N SER A 473 -32.95 17.82 6.90
CA SER A 473 -33.34 17.83 5.50
C SER A 473 -32.22 18.41 4.65
N MET A 474 -31.96 17.77 3.51
CA MET A 474 -30.97 18.22 2.55
C MET A 474 -31.54 18.10 1.15
N GLY A 475 -31.10 18.99 0.27
CA GLY A 475 -31.61 18.99 -1.09
C GLY A 475 -31.14 17.77 -1.87
N ALA A 476 -32.05 17.22 -2.67
CA ALA A 476 -31.75 16.04 -3.46
C ALA A 476 -30.86 16.42 -4.65
N LYS A 477 -29.65 15.88 -4.66
CA LYS A 477 -28.73 16.08 -5.77
C LYS A 477 -28.80 14.89 -6.72
N SER A 478 -28.22 15.06 -7.90
CA SER A 478 -28.18 13.99 -8.88
C SER A 478 -27.14 12.95 -8.49
N LEU A 479 -27.44 11.69 -8.81
CA LEU A 479 -26.56 10.57 -8.46
C LEU A 479 -25.94 9.95 -9.71
N CYS A 480 -26.77 9.47 -10.64
CA CYS A 480 -26.26 8.90 -11.88
C CYS A 480 -27.40 8.83 -12.89
N ILE A 481 -27.02 8.75 -14.17
CA ILE A 481 -27.96 8.47 -15.24
C ILE A 481 -27.84 6.98 -15.55
N PRO A 482 -28.76 6.15 -15.05
CA PRO A 482 -28.56 4.70 -15.15
C PRO A 482 -28.54 4.22 -16.59
N PHE A 483 -27.61 3.31 -16.88
CA PHE A 483 -27.55 2.71 -18.21
C PHE A 483 -28.82 1.93 -18.51
N LYS A 484 -29.38 1.27 -17.50
CA LYS A 484 -30.62 0.50 -17.62
C LYS A 484 -31.63 1.09 -16.64
N PRO A 485 -32.32 2.16 -17.02
CA PRO A 485 -33.34 2.74 -16.14
C PRO A 485 -34.53 1.80 -15.98
N LEU A 486 -35.39 2.15 -15.02
CA LEU A 486 -36.55 1.30 -14.72
C LEU A 486 -37.54 1.28 -15.88
N CYS A 487 -37.84 2.45 -16.45
CA CYS A 487 -38.73 2.54 -17.60
C CYS A 487 -38.17 3.54 -18.59
N GLU A 488 -38.56 3.38 -19.86
CA GLU A 488 -38.02 4.19 -20.93
C GLU A 488 -38.65 5.58 -20.93
N LEU A 489 -37.91 6.54 -21.45
CA LEU A 489 -38.41 7.91 -21.56
C LEU A 489 -39.45 8.00 -22.68
N GLN A 490 -40.62 8.52 -22.35
CA GLN A 490 -41.68 8.63 -23.33
C GLN A 490 -41.29 9.63 -24.42
N PRO A 491 -41.62 9.34 -25.69
CA PRO A 491 -41.29 10.28 -26.76
C PRO A 491 -41.99 11.62 -26.55
N GLY A 492 -41.19 12.68 -26.41
CA GLY A 492 -41.71 14.00 -26.16
C GLY A 492 -41.99 14.32 -24.70
N ALA A 493 -41.69 13.40 -23.79
CA ALA A 493 -41.92 13.66 -22.37
C ALA A 493 -41.04 14.80 -21.89
N LYS A 494 -41.68 15.82 -21.30
CA LYS A 494 -40.96 17.00 -20.84
C LYS A 494 -40.32 16.74 -19.48
N CYS A 495 -39.25 17.48 -19.21
CA CYS A 495 -38.56 17.37 -17.94
C CYS A 495 -39.44 17.92 -16.81
N VAL A 496 -39.04 17.61 -15.57
CA VAL A 496 -39.82 18.02 -14.41
C VAL A 496 -39.76 19.54 -14.21
N CYS A 497 -38.79 20.22 -14.81
CA CYS A 497 -38.74 21.67 -14.70
C CYS A 497 -39.86 22.33 -15.49
N GLY A 498 -40.29 21.72 -16.59
CA GLY A 498 -41.32 22.28 -17.44
C GLY A 498 -40.82 23.26 -18.47
N LYS A 499 -39.68 23.91 -18.23
CA LYS A 499 -39.12 24.89 -19.17
C LYS A 499 -38.24 24.24 -20.24
N ASN A 500 -37.84 22.99 -20.07
CA ASN A 500 -36.96 22.31 -21.00
C ASN A 500 -37.44 20.88 -21.20
N PRO A 501 -37.28 20.33 -22.39
CA PRO A 501 -37.64 18.93 -22.61
C PRO A 501 -36.66 17.98 -21.93
N ALA A 502 -37.16 16.82 -21.54
CA ALA A 502 -36.34 15.83 -20.87
C ALA A 502 -35.43 15.12 -21.86
N LYS A 503 -34.22 14.80 -21.40
CA LYS A 503 -33.25 14.07 -22.22
C LYS A 503 -33.05 12.63 -21.79
N TYR A 504 -33.29 12.31 -20.52
CA TYR A 504 -33.06 10.97 -19.99
C TYR A 504 -33.65 10.88 -18.60
N TYR A 505 -33.79 9.65 -18.12
CA TYR A 505 -34.17 9.42 -16.73
C TYR A 505 -32.92 9.53 -15.85
N THR A 506 -33.03 10.32 -14.78
CA THR A 506 -31.91 10.58 -13.89
C THR A 506 -32.29 10.20 -12.47
N LEU A 507 -31.42 9.44 -11.82
CA LEU A 507 -31.64 9.04 -10.44
C LEU A 507 -31.25 10.19 -9.50
N PHE A 508 -32.19 10.61 -8.67
CA PHE A 508 -31.97 11.71 -7.72
C PHE A 508 -32.15 11.20 -6.29
N GLY A 509 -31.93 12.10 -5.34
CA GLY A 509 -32.07 11.76 -3.94
C GLY A 509 -31.01 12.37 -3.06
N ARG A 510 -31.25 12.36 -1.74
CA ARG A 510 -30.26 12.85 -0.80
C ARG A 510 -29.03 11.94 -0.81
N SER A 511 -27.85 12.55 -0.73
CA SER A 511 -26.59 11.83 -0.91
C SER A 511 -25.66 12.10 0.27
N TYR A 512 -24.68 11.20 0.43
CA TYR A 512 -23.63 11.38 1.42
C TYR A 512 -22.51 12.24 0.87
N LEU B 16 24.00 1.51 -22.66
CA LEU B 16 24.40 2.41 -21.58
C LEU B 16 25.49 3.36 -22.06
N GLU B 17 25.46 4.60 -21.56
CA GLU B 17 26.37 5.65 -22.00
C GLU B 17 27.50 5.88 -20.99
N ALA B 18 27.16 6.22 -19.76
CA ALA B 18 28.16 6.57 -18.75
C ALA B 18 28.88 5.33 -18.24
N LYS B 19 29.90 5.56 -17.42
CA LYS B 19 30.71 4.50 -16.84
C LYS B 19 30.67 4.59 -15.32
N LYS B 20 30.73 3.42 -14.68
CA LYS B 20 30.61 3.36 -13.22
C LYS B 20 31.91 3.76 -12.53
N GLU B 21 33.03 3.18 -12.95
CA GLU B 21 34.31 3.50 -12.32
C GLU B 21 34.65 4.97 -12.48
N GLU B 22 34.32 5.56 -13.62
CA GLU B 22 34.57 6.98 -13.86
C GLU B 22 33.62 7.83 -13.02
N ASN B 23 32.45 8.14 -13.57
CA ASN B 23 31.44 8.96 -12.90
C ASN B 23 30.23 8.05 -12.63
N LEU B 24 30.24 7.38 -11.48
CA LEU B 24 29.13 6.52 -11.12
C LEU B 24 27.86 7.32 -10.80
N ALA B 25 28.01 8.60 -10.45
CA ALA B 25 26.84 9.43 -10.19
C ALA B 25 26.01 9.61 -11.45
N ASP B 26 26.67 9.81 -12.59
CA ASP B 26 25.94 9.86 -13.87
C ASP B 26 25.64 8.47 -14.40
N TRP B 27 26.49 7.49 -14.09
CA TRP B 27 26.16 6.10 -14.40
C TRP B 27 24.89 5.66 -13.66
N TYR B 28 24.69 6.16 -12.45
CA TYR B 28 23.49 5.81 -11.68
C TYR B 28 22.25 6.42 -12.31
N SER B 29 22.33 7.70 -12.68
CA SER B 29 21.19 8.36 -13.33
C SER B 29 20.88 7.73 -14.68
N GLN B 30 21.90 7.22 -15.37
CA GLN B 30 21.66 6.58 -16.66
C GLN B 30 20.99 5.22 -16.49
N VAL B 31 21.43 4.43 -15.51
CA VAL B 31 20.94 3.06 -15.40
C VAL B 31 19.53 3.01 -14.82
N ILE B 32 19.15 3.99 -14.00
CA ILE B 32 17.83 3.93 -13.38
C ILE B 32 16.73 4.38 -14.35
N THR B 33 17.07 5.27 -15.29
CA THR B 33 16.08 5.75 -16.25
C THR B 33 15.99 4.83 -17.47
N LYS B 34 17.12 4.32 -17.96
CA LYS B 34 17.09 3.43 -19.11
C LYS B 34 16.48 2.08 -18.76
N SER B 35 16.58 1.66 -17.49
CA SER B 35 15.92 0.44 -17.03
C SER B 35 14.44 0.66 -16.74
N GLU B 36 13.93 1.87 -16.96
CA GLU B 36 12.52 2.21 -16.74
C GLU B 36 12.12 1.96 -15.29
N MET B 37 12.99 2.38 -14.36
CA MET B 37 12.72 2.30 -12.93
C MET B 37 12.36 3.66 -12.34
N ILE B 38 13.14 4.69 -12.64
CA ILE B 38 13.01 6.00 -12.04
C ILE B 38 12.70 7.02 -13.13
N GLU B 39 11.73 7.89 -12.85
CA GLU B 39 11.50 9.09 -13.65
C GLU B 39 11.57 10.31 -12.74
N TYR B 40 12.08 11.40 -13.26
CA TYR B 40 12.32 12.59 -12.47
C TYR B 40 11.07 13.46 -12.37
N HIS B 41 10.98 14.22 -11.29
CA HIS B 41 9.84 15.05 -10.97
C HIS B 41 10.28 16.50 -10.84
N ASP B 42 9.36 17.44 -11.12
CA ASP B 42 9.73 18.85 -11.04
C ASP B 42 9.92 19.34 -9.60
N ILE B 43 9.92 18.44 -8.62
CA ILE B 43 10.19 18.77 -7.22
C ILE B 43 11.41 17.97 -6.80
N SER B 44 12.47 18.67 -6.39
CA SER B 44 13.73 18.01 -6.05
C SER B 44 13.53 17.05 -4.88
N GLY B 45 14.25 15.92 -4.94
CA GLY B 45 14.17 14.91 -3.92
C GLY B 45 13.05 13.90 -4.10
N CYS B 46 12.09 14.19 -4.98
CA CYS B 46 10.96 13.30 -5.23
C CYS B 46 11.15 12.64 -6.60
N TYR B 47 10.90 11.32 -6.64
CA TYR B 47 11.14 10.55 -7.85
C TYR B 47 9.95 9.63 -8.10
N ILE B 48 9.82 9.19 -9.35
CA ILE B 48 8.72 8.33 -9.77
C ILE B 48 9.22 6.89 -9.81
N LEU B 49 8.51 6.00 -9.13
CA LEU B 49 8.80 4.57 -9.17
C LEU B 49 7.98 3.96 -10.30
N ARG B 50 8.62 3.73 -11.45
CA ARG B 50 7.95 3.10 -12.57
C ARG B 50 7.71 1.62 -12.26
N PRO B 51 6.82 0.95 -13.01
CA PRO B 51 6.48 -0.45 -12.70
C PRO B 51 7.68 -1.37 -12.52
N TRP B 52 8.77 -1.15 -13.26
CA TRP B 52 9.91 -2.04 -13.14
C TRP B 52 10.59 -1.92 -11.78
N ALA B 53 10.56 -0.72 -11.19
CA ALA B 53 11.12 -0.55 -9.85
C ALA B 53 10.13 -0.99 -8.77
N TYR B 54 8.84 -0.72 -8.99
CA TYR B 54 7.83 -1.04 -7.97
C TYR B 54 7.69 -2.54 -7.77
N ALA B 55 7.95 -3.33 -8.81
CA ALA B 55 7.86 -4.78 -8.67
C ALA B 55 8.92 -5.32 -7.72
N ILE B 56 10.11 -4.73 -7.72
CA ILE B 56 11.15 -5.14 -6.78
C ILE B 56 10.69 -4.86 -5.35
N TRP B 57 10.05 -3.72 -5.12
CA TRP B 57 9.52 -3.40 -3.80
C TRP B 57 8.41 -4.34 -3.40
N GLU B 58 7.60 -4.80 -4.36
CA GLU B 58 6.54 -5.75 -4.04
C GLU B 58 7.12 -7.11 -3.69
N ALA B 59 8.18 -7.54 -4.39
CA ALA B 59 8.84 -8.79 -4.04
C ALA B 59 9.42 -8.73 -2.64
N ILE B 60 9.99 -7.58 -2.26
CA ILE B 60 10.47 -7.40 -0.89
C ILE B 60 9.29 -7.40 0.08
N LYS B 61 8.19 -6.76 -0.31
CA LYS B 61 7.03 -6.66 0.57
C LYS B 61 6.39 -8.03 0.82
N ASP B 62 6.25 -8.84 -0.23
CA ASP B 62 5.61 -10.14 -0.06
C ASP B 62 6.41 -11.05 0.86
N PHE B 63 7.75 -10.97 0.79
CA PHE B 63 8.58 -11.77 1.67
C PHE B 63 8.51 -11.27 3.11
N PHE B 64 8.74 -9.98 3.32
CA PHE B 64 8.84 -9.44 4.67
C PHE B 64 7.49 -9.48 5.39
N ASP B 65 6.41 -9.18 4.67
CA ASP B 65 5.08 -9.22 5.28
C ASP B 65 4.71 -10.63 5.73
N ALA B 66 5.13 -11.63 4.95
CA ALA B 66 4.83 -13.01 5.31
C ALA B 66 5.67 -13.47 6.50
N GLU B 67 6.90 -12.98 6.62
CA GLU B 67 7.75 -13.39 7.72
C GLU B 67 7.34 -12.73 9.03
N ILE B 68 6.83 -11.49 8.98
CA ILE B 68 6.44 -10.82 10.20
C ILE B 68 5.07 -11.31 10.68
N LYS B 69 4.20 -11.74 9.76
CA LYS B 69 2.91 -12.27 10.15
C LYS B 69 3.06 -13.50 11.05
N LYS B 70 4.15 -14.24 10.89
CA LYS B 70 4.43 -15.35 11.80
C LYS B 70 4.74 -14.85 13.21
N LEU B 71 5.27 -13.63 13.32
CA LEU B 71 5.59 -13.05 14.62
C LEU B 71 4.37 -12.45 15.31
N GLY B 72 3.21 -12.44 14.68
CA GLY B 72 2.00 -11.96 15.30
C GLY B 72 1.66 -10.51 15.07
N VAL B 73 2.39 -9.82 14.21
CA VAL B 73 2.13 -8.41 13.93
C VAL B 73 1.15 -8.30 12.78
N GLU B 74 0.20 -7.37 12.91
CA GLU B 74 -0.85 -7.17 11.93
C GLU B 74 -0.63 -5.85 11.20
N ASN B 75 -1.10 -5.80 9.95
CA ASN B 75 -0.97 -4.60 9.15
C ASN B 75 -2.12 -3.64 9.40
N CYS B 76 -1.85 -2.36 9.25
CA CYS B 76 -2.82 -1.30 9.51
C CYS B 76 -2.40 -0.09 8.69
N TYR B 77 -3.06 1.04 8.95
CA TYR B 77 -2.66 2.31 8.36
C TYR B 77 -3.05 3.43 9.30
N PHE B 78 -2.09 4.22 9.72
CA PHE B 78 -2.27 5.37 10.60
C PHE B 78 -2.23 6.67 9.81
N PRO B 79 -2.82 7.74 10.32
CA PRO B 79 -2.85 9.00 9.58
C PRO B 79 -1.47 9.55 9.30
N MET B 80 -1.36 10.30 8.20
CA MET B 80 -0.11 10.94 7.81
C MET B 80 0.13 12.25 8.54
N PHE B 81 -0.93 12.89 9.02
CA PHE B 81 -0.85 14.19 9.65
C PHE B 81 -0.78 14.04 11.16
N VAL B 82 0.23 14.66 11.77
CA VAL B 82 0.45 14.60 13.21
C VAL B 82 0.33 16.01 13.78
N SER B 83 -0.38 16.13 14.90
CA SER B 83 -0.58 17.43 15.51
C SER B 83 0.72 17.94 16.14
N GLN B 84 0.74 19.24 16.43
CA GLN B 84 1.94 19.84 17.01
C GLN B 84 2.11 19.45 18.47
N SER B 85 0.99 19.26 19.20
CA SER B 85 1.09 18.84 20.59
C SER B 85 1.61 17.41 20.71
N ALA B 86 1.22 16.55 19.77
CA ALA B 86 1.72 15.17 19.77
C ALA B 86 3.16 15.09 19.25
N LEU B 87 3.56 16.05 18.41
CA LEU B 87 4.92 16.02 17.85
C LEU B 87 5.96 16.28 18.93
N GLU B 88 5.74 17.31 19.75
CA GLU B 88 6.70 17.72 20.77
C GLU B 88 6.44 17.09 22.13
N LYS B 89 5.56 16.09 22.20
CA LYS B 89 5.32 15.42 23.47
C LYS B 89 6.54 14.62 23.93
N GLU B 90 7.40 14.22 23.00
CA GLU B 90 8.69 13.60 23.31
C GLU B 90 9.78 14.58 22.87
N LYS B 91 10.44 15.21 23.84
CA LYS B 91 11.36 16.29 23.53
C LYS B 91 12.58 15.80 22.77
N THR B 92 13.10 14.62 23.12
CA THR B 92 14.28 14.11 22.43
C THR B 92 13.97 13.68 21.01
N HIS B 93 12.77 13.14 20.77
CA HIS B 93 12.41 12.68 19.44
C HIS B 93 12.23 13.85 18.48
N VAL B 94 11.57 14.92 18.92
CA VAL B 94 11.33 16.06 18.05
C VAL B 94 12.59 16.88 17.83
N ALA B 95 13.59 16.73 18.69
CA ALA B 95 14.80 17.53 18.56
C ALA B 95 15.56 17.22 17.28
N ASP B 96 15.60 15.95 16.89
CA ASP B 96 16.36 15.54 15.72
C ASP B 96 15.55 15.59 14.43
N PHE B 97 14.22 15.48 14.52
CA PHE B 97 13.38 15.38 13.34
C PHE B 97 12.70 16.69 12.95
N ALA B 98 12.59 17.65 13.88
CA ALA B 98 11.89 18.90 13.58
C ALA B 98 12.41 19.64 12.35
N PRO B 99 13.72 19.78 12.11
CA PRO B 99 14.16 20.50 10.89
C PRO B 99 13.79 19.80 9.60
N GLU B 100 13.43 18.51 9.64
CA GLU B 100 13.06 17.76 8.46
C GLU B 100 11.56 17.58 8.29
N VAL B 101 10.76 18.17 9.18
CA VAL B 101 9.32 17.98 9.16
C VAL B 101 8.69 19.00 8.20
N ALA B 102 8.00 18.49 7.19
CA ALA B 102 7.28 19.35 6.26
C ALA B 102 5.91 19.69 6.83
N TRP B 103 5.59 20.97 6.90
CA TRP B 103 4.41 21.46 7.59
C TRP B 103 3.36 21.93 6.60
N VAL B 104 2.12 21.49 6.80
CA VAL B 104 0.96 22.01 6.08
C VAL B 104 0.39 23.17 6.88
N THR B 105 0.20 24.32 6.22
CA THR B 105 -0.27 25.51 6.89
C THR B 105 -1.55 26.09 6.29
N ARG B 106 -2.00 25.62 5.13
CA ARG B 106 -3.13 26.24 4.46
C ARG B 106 -3.91 25.20 3.67
N SER B 107 -5.23 25.36 3.66
CA SER B 107 -6.14 24.56 2.84
C SER B 107 -6.61 25.44 1.70
N GLY B 108 -6.07 25.21 0.50
CA GLY B 108 -6.31 26.10 -0.61
C GLY B 108 -5.67 27.45 -0.36
N LYS B 109 -6.47 28.43 0.04
CA LYS B 109 -5.96 29.72 0.48
C LYS B 109 -6.41 30.13 1.86
N THR B 110 -7.34 29.41 2.48
CA THR B 110 -7.74 29.67 3.86
C THR B 110 -6.72 29.03 4.79
N GLU B 111 -5.96 29.85 5.50
CA GLU B 111 -4.88 29.35 6.33
C GLU B 111 -5.42 28.68 7.59
N LEU B 112 -4.84 27.54 7.94
CA LEU B 112 -5.26 26.82 9.13
C LEU B 112 -4.86 27.59 10.39
N ALA B 113 -5.73 27.53 11.40
CA ALA B 113 -5.44 28.21 12.66
C ALA B 113 -4.25 27.59 13.38
N GLU B 114 -3.92 26.32 13.09
CA GLU B 114 -2.78 25.65 13.68
C GLU B 114 -2.15 24.80 12.57
N PRO B 115 -0.84 24.89 12.38
CA PRO B 115 -0.20 24.16 11.29
C PRO B 115 -0.25 22.66 11.50
N ILE B 116 -0.16 21.93 10.39
CA ILE B 116 -0.24 20.47 10.37
C ILE B 116 1.07 19.93 9.82
N ALA B 117 1.56 18.85 10.43
CA ALA B 117 2.85 18.27 10.08
C ALA B 117 2.68 16.93 9.37
N ILE B 118 3.45 16.74 8.31
CA ILE B 118 3.51 15.45 7.63
C ILE B 118 4.48 14.54 8.37
N ARG B 119 4.11 13.28 8.50
CA ARG B 119 4.86 12.32 9.29
C ARG B 119 6.26 12.10 8.73
N PRO B 120 7.33 12.34 9.51
CA PRO B 120 8.64 11.78 9.18
C PRO B 120 8.84 10.39 9.75
N THR B 121 7.98 10.01 10.69
CA THR B 121 7.92 8.70 11.30
C THR B 121 6.68 8.67 12.18
N SER B 122 6.13 7.50 12.47
CA SER B 122 4.80 7.40 13.06
C SER B 122 4.83 7.09 14.55
N GLU B 123 5.93 7.38 15.24
CA GLU B 123 5.97 7.19 16.69
C GLU B 123 4.95 8.09 17.38
N THR B 124 4.86 9.35 16.95
CA THR B 124 3.96 10.31 17.59
C THR B 124 2.51 10.14 17.15
N VAL B 125 2.26 9.41 16.06
CA VAL B 125 0.90 9.22 15.58
C VAL B 125 0.24 8.01 16.23
N MET B 126 1.00 6.92 16.41
CA MET B 126 0.44 5.65 16.86
C MET B 126 0.35 5.55 18.39
N TYR B 127 1.34 6.05 19.11
CA TYR B 127 1.46 5.81 20.53
C TYR B 127 0.37 6.48 21.36
N PRO B 128 -0.14 7.66 20.97
CA PRO B 128 -1.37 8.14 21.63
C PRO B 128 -2.51 7.15 21.54
N ALA B 129 -2.64 6.44 20.41
CA ALA B 129 -3.68 5.42 20.29
C ALA B 129 -3.31 4.16 21.09
N TYR B 130 -2.02 3.89 21.27
CA TYR B 130 -1.61 2.77 22.10
C TYR B 130 -2.03 2.99 23.55
N ALA B 131 -2.00 4.25 24.01
CA ALA B 131 -2.36 4.54 25.39
C ALA B 131 -3.83 4.22 25.65
N LYS B 132 -4.69 4.44 24.67
CA LYS B 132 -6.10 4.13 24.84
C LYS B 132 -6.38 2.63 24.73
N TRP B 133 -5.63 1.92 23.88
CA TRP B 133 -5.84 0.49 23.71
C TRP B 133 -5.28 -0.33 24.87
N VAL B 134 -4.41 0.26 25.69
CA VAL B 134 -3.83 -0.43 26.84
C VAL B 134 -4.58 0.04 28.07
N GLN B 135 -5.53 -0.77 28.52
CA GLN B 135 -6.26 -0.51 29.76
C GLN B 135 -5.93 -1.49 30.87
N SER B 136 -5.44 -2.68 30.54
CA SER B 136 -5.14 -3.71 31.52
C SER B 136 -3.89 -4.46 31.06
N HIS B 137 -3.62 -5.59 31.73
CA HIS B 137 -2.48 -6.42 31.37
C HIS B 137 -2.73 -7.27 30.13
N ARG B 138 -4.00 -7.53 29.81
CA ARG B 138 -4.35 -8.42 28.69
C ARG B 138 -4.16 -7.75 27.32
N ASP B 139 -4.00 -6.43 27.28
CA ASP B 139 -3.95 -5.73 26.01
C ASP B 139 -2.60 -5.83 25.31
N LEU B 140 -1.55 -6.25 26.01
CA LEU B 140 -0.23 -6.36 25.41
C LEU B 140 0.14 -7.83 25.20
N PRO B 141 1.00 -8.14 24.22
CA PRO B 141 1.73 -7.21 23.33
C PRO B 141 0.89 -6.64 22.18
N ILE B 142 1.13 -5.37 21.86
CA ILE B 142 0.57 -4.73 20.69
C ILE B 142 1.63 -4.73 19.60
N LYS B 143 1.33 -5.38 18.47
CA LYS B 143 2.26 -5.48 17.35
C LYS B 143 1.56 -4.96 16.10
N LEU B 144 2.01 -3.81 15.59
CA LEU B 144 1.40 -3.18 14.42
C LEU B 144 2.48 -2.80 13.42
N ASN B 145 2.13 -2.89 12.14
CA ASN B 145 3.01 -2.52 11.04
C ASN B 145 2.17 -1.90 9.93
N GLN B 146 2.78 -0.97 9.19
CA GLN B 146 2.07 -0.34 8.09
C GLN B 146 3.03 -0.08 6.93
N TRP B 147 2.53 -0.27 5.72
CA TRP B 147 3.25 0.08 4.50
C TRP B 147 2.71 1.41 3.99
N CYS B 148 3.56 2.41 3.94
CA CYS B 148 3.11 3.77 3.65
C CYS B 148 4.28 4.59 3.13
N ASN B 149 3.97 5.79 2.68
CA ASN B 149 4.98 6.78 2.31
C ASN B 149 5.32 7.65 3.53
N VAL B 150 6.47 8.31 3.45
CA VAL B 150 6.95 9.13 4.55
C VAL B 150 7.82 10.24 3.97
N VAL B 151 7.84 11.39 4.66
CA VAL B 151 8.46 12.60 4.14
C VAL B 151 9.45 13.12 5.18
N ARG B 152 10.71 13.28 4.75
CA ARG B 152 11.76 13.89 5.55
C ARG B 152 12.44 14.94 4.66
N TRP B 153 11.96 16.18 4.74
CA TRP B 153 12.40 17.24 3.84
C TRP B 153 13.81 17.70 4.17
N GLU B 154 14.81 17.04 3.60
CA GLU B 154 16.20 17.38 3.83
C GLU B 154 16.78 18.11 2.62
N PHE B 155 17.60 19.12 2.88
CA PHE B 155 18.18 19.95 1.84
C PHE B 155 19.55 19.45 1.40
N LYS B 156 19.96 18.25 1.81
CA LYS B 156 21.21 17.68 1.33
C LYS B 156 21.04 17.20 -0.11
N HIS B 157 22.15 16.78 -0.69
CA HIS B 157 22.14 16.33 -2.08
C HIS B 157 21.26 15.09 -2.24
N PRO B 158 20.16 15.17 -2.99
CA PRO B 158 19.31 14.00 -3.17
C PRO B 158 19.87 13.04 -4.20
N GLN B 159 19.55 11.76 -4.01
CA GLN B 159 19.95 10.72 -4.94
C GLN B 159 18.81 9.71 -4.94
N PRO B 160 18.35 9.27 -6.12
CA PRO B 160 17.18 8.37 -6.17
C PRO B 160 17.40 7.11 -5.35
N PHE B 161 16.30 6.62 -4.77
CA PHE B 161 16.29 5.44 -3.91
C PHE B 161 17.05 5.67 -2.60
N LEU B 162 18.31 6.09 -2.71
CA LEU B 162 19.16 6.19 -1.53
C LEU B 162 18.75 7.36 -0.63
N ARG B 163 18.73 8.58 -1.18
CA ARG B 163 18.44 9.79 -0.43
C ARG B 163 17.33 10.55 -1.14
N THR B 164 16.08 10.31 -0.74
CA THR B 164 14.92 10.95 -1.34
C THR B 164 14.11 11.66 -0.25
N ARG B 165 13.48 12.77 -0.64
CA ARG B 165 12.65 13.50 0.30
C ARG B 165 11.38 12.74 0.65
N GLU B 166 10.91 11.89 -0.25
CA GLU B 166 9.77 11.00 -0.01
C GLU B 166 10.17 9.59 -0.43
N PHE B 167 9.80 8.62 0.39
CA PHE B 167 10.09 7.22 0.07
C PHE B 167 9.04 6.33 0.72
N LEU B 168 8.95 5.11 0.22
CA LEU B 168 8.07 4.09 0.77
C LEU B 168 8.85 3.22 1.74
N TRP B 169 8.15 2.70 2.74
CA TRP B 169 8.78 1.83 3.73
C TRP B 169 7.70 1.06 4.48
N GLN B 170 8.13 0.15 5.33
CA GLN B 170 7.31 -0.39 6.39
C GLN B 170 7.86 0.09 7.72
N GLU B 171 6.98 0.22 8.71
CA GLU B 171 7.41 0.57 10.07
C GLU B 171 6.59 -0.25 11.05
N GLY B 172 7.26 -1.16 11.75
CA GLY B 172 6.62 -1.95 12.79
C GLY B 172 6.83 -1.30 14.13
N HIS B 173 5.74 -1.20 14.91
CA HIS B 173 5.78 -0.61 16.23
C HIS B 173 5.18 -1.59 17.22
N SER B 174 6.01 -2.17 18.08
CA SER B 174 5.59 -3.17 19.04
C SER B 174 5.75 -2.64 20.46
N ALA B 175 4.86 -3.11 21.34
CA ALA B 175 4.87 -2.73 22.75
C ALA B 175 4.70 -3.98 23.59
N PHE B 176 5.65 -4.25 24.47
CA PHE B 176 5.67 -5.46 25.28
C PHE B 176 5.58 -5.10 26.76
N ALA B 177 5.53 -6.13 27.60
CA ALA B 177 5.51 -5.98 29.05
C ALA B 177 6.89 -6.04 29.68
N THR B 178 7.74 -6.97 29.24
CA THR B 178 9.11 -7.10 29.73
C THR B 178 10.08 -6.64 28.67
N MET B 179 11.29 -6.29 29.12
CA MET B 179 12.28 -5.70 28.22
C MET B 179 12.89 -6.75 27.28
N GLU B 180 13.13 -7.96 27.78
CA GLU B 180 13.72 -8.99 26.95
C GLU B 180 12.75 -9.54 25.91
N GLU B 181 11.44 -9.36 26.13
CA GLU B 181 10.48 -9.64 25.07
C GLU B 181 10.68 -8.66 23.91
N ALA B 182 10.95 -7.40 24.22
CA ALA B 182 11.26 -6.43 23.18
C ALA B 182 12.66 -6.64 22.63
N ALA B 183 13.60 -7.04 23.50
CA ALA B 183 14.97 -7.29 23.05
C ALA B 183 15.03 -8.49 22.10
N GLU B 184 14.15 -9.47 22.29
CA GLU B 184 14.12 -10.60 21.37
C GLU B 184 13.62 -10.19 19.99
N GLU B 185 12.65 -9.26 19.94
CA GLU B 185 12.10 -8.84 18.66
C GLU B 185 13.07 -7.95 17.89
N VAL B 186 13.86 -7.14 18.59
CA VAL B 186 14.81 -6.25 17.92
C VAL B 186 15.80 -7.05 17.09
N LEU B 187 16.26 -8.19 17.62
CA LEU B 187 17.27 -8.96 16.92
C LEU B 187 16.69 -9.84 15.81
N GLN B 188 15.46 -10.35 15.99
CA GLN B 188 14.88 -11.20 14.96
C GLN B 188 14.31 -10.39 13.80
N ILE B 189 13.91 -9.14 14.05
CA ILE B 189 13.53 -8.27 12.93
C ILE B 189 14.78 -7.82 12.17
N LEU B 190 15.85 -7.48 12.90
CA LEU B 190 17.11 -7.16 12.25
C LEU B 190 17.62 -8.34 11.42
N ASP B 191 17.37 -9.56 11.88
CA ASP B 191 17.74 -10.73 11.09
C ASP B 191 16.89 -10.85 9.84
N LEU B 192 15.63 -10.40 9.89
CA LEU B 192 14.80 -10.39 8.69
C LEU B 192 15.33 -9.37 7.68
N TYR B 193 15.74 -8.20 8.15
CA TYR B 193 16.37 -7.22 7.25
C TYR B 193 17.63 -7.79 6.62
N ALA B 194 18.37 -8.61 7.36
CA ALA B 194 19.54 -9.27 6.79
C ALA B 194 19.14 -10.27 5.72
N GLN B 195 18.00 -10.96 5.92
CA GLN B 195 17.51 -11.87 4.89
C GLN B 195 17.07 -11.11 3.65
N VAL B 196 16.48 -9.92 3.82
CA VAL B 196 16.03 -9.14 2.67
C VAL B 196 17.20 -8.73 1.80
N TYR B 197 18.32 -8.34 2.42
CA TYR B 197 19.47 -7.89 1.65
C TYR B 197 20.31 -9.05 1.13
N GLU B 198 20.51 -10.09 1.95
CA GLU B 198 21.39 -11.19 1.60
C GLU B 198 20.68 -12.31 0.85
N GLU B 199 19.57 -12.81 1.41
CA GLU B 199 18.88 -13.94 0.79
C GLU B 199 18.17 -13.52 -0.50
N LEU B 200 17.67 -12.29 -0.57
CA LEU B 200 16.92 -11.82 -1.73
C LEU B 200 17.79 -10.96 -2.66
N LEU B 201 18.31 -9.84 -2.15
CA LEU B 201 19.07 -8.91 -2.97
C LEU B 201 20.53 -9.31 -3.14
N ALA B 202 20.97 -10.40 -2.49
CA ALA B 202 22.35 -10.87 -2.57
C ALA B 202 23.34 -9.80 -2.16
N ILE B 203 23.01 -9.07 -1.10
CA ILE B 203 23.84 -7.99 -0.58
C ILE B 203 24.23 -8.33 0.85
N PRO B 204 25.46 -8.80 1.08
CA PRO B 204 25.90 -9.05 2.45
C PRO B 204 26.08 -7.75 3.22
N VAL B 205 25.64 -7.76 4.48
CA VAL B 205 25.69 -6.59 5.33
C VAL B 205 26.29 -7.00 6.67
N VAL B 206 26.64 -5.98 7.47
CA VAL B 206 27.24 -6.18 8.78
C VAL B 206 26.21 -5.80 9.84
N LYS B 207 25.90 -6.74 10.73
CA LYS B 207 24.98 -6.49 11.83
C LYS B 207 25.74 -5.78 12.95
N GLY B 208 25.26 -4.61 13.34
CA GLY B 208 25.93 -3.83 14.36
C GLY B 208 25.00 -2.98 15.21
N ARG B 209 25.58 -2.12 16.03
CA ARG B 209 24.82 -1.27 16.95
C ARG B 209 25.25 0.17 16.80
N LYS B 210 24.34 1.08 17.12
CA LYS B 210 24.56 2.51 16.92
C LYS B 210 25.29 3.12 18.11
N THR B 211 25.78 4.33 17.90
CA THR B 211 26.41 5.11 18.96
C THR B 211 25.42 6.12 19.52
N GLU B 212 25.83 6.79 20.60
CA GLU B 212 24.96 7.77 21.25
C GLU B 212 24.58 8.90 20.30
N LYS B 213 25.54 9.37 19.51
CA LYS B 213 25.27 10.44 18.56
C LYS B 213 24.39 9.97 17.42
N GLU B 214 24.50 8.69 17.03
CA GLU B 214 23.80 8.17 15.87
C GLU B 214 22.53 7.40 16.21
N LYS B 215 22.31 7.06 17.48
CA LYS B 215 21.14 6.28 17.82
C LYS B 215 19.87 7.08 17.58
N PHE B 216 18.76 6.35 17.46
CA PHE B 216 17.47 6.97 17.22
C PHE B 216 17.10 7.87 18.40
N ALA B 217 16.94 9.15 18.12
CA ALA B 217 16.57 10.12 19.15
C ALA B 217 15.21 9.76 19.75
N GLY B 218 15.22 9.23 20.96
CA GLY B 218 13.99 8.80 21.60
C GLY B 218 14.05 7.36 22.08
N GLY B 219 15.09 6.64 21.66
CA GLY B 219 15.30 5.27 22.07
C GLY B 219 16.47 5.12 23.04
N ASP B 220 16.75 3.86 23.38
CA ASP B 220 17.86 3.54 24.27
C ASP B 220 19.06 2.97 23.51
N TYR B 221 18.85 1.94 22.68
CA TYR B 221 19.89 1.45 21.79
C TYR B 221 19.28 1.14 20.43
N THR B 222 20.10 1.26 19.40
CA THR B 222 19.66 1.11 18.01
C THR B 222 20.54 0.08 17.32
N THR B 223 19.91 -0.96 16.77
CA THR B 223 20.59 -1.94 15.96
C THR B 223 20.35 -1.63 14.49
N THR B 224 21.32 -1.99 13.64
CA THR B 224 21.24 -1.67 12.23
C THR B 224 22.16 -2.58 11.44
N ILE B 225 21.87 -2.71 10.15
CA ILE B 225 22.73 -3.39 9.20
C ILE B 225 23.30 -2.35 8.24
N GLU B 226 24.60 -2.43 7.98
CA GLU B 226 25.29 -1.49 7.12
C GLU B 226 25.79 -2.21 5.88
N ALA B 227 25.51 -1.63 4.72
CA ALA B 227 25.99 -2.15 3.44
C ALA B 227 27.11 -1.27 2.91
N PHE B 228 27.91 -1.83 2.02
CA PHE B 228 29.04 -1.13 1.43
C PHE B 228 28.91 -1.09 -0.08
N ILE B 229 29.17 0.09 -0.65
CA ILE B 229 29.13 0.30 -2.09
C ILE B 229 30.57 0.49 -2.56
N SER B 230 31.08 -0.47 -3.33
CA SER B 230 32.50 -0.50 -3.65
C SER B 230 32.90 0.65 -4.56
N ALA B 231 32.17 0.82 -5.68
CA ALA B 231 32.53 1.84 -6.66
C ALA B 231 32.43 3.26 -6.10
N SER B 232 31.84 3.44 -4.92
CA SER B 232 31.76 4.74 -4.28
C SER B 232 32.61 4.86 -3.03
N GLY B 233 33.01 3.75 -2.42
CA GLY B 233 33.80 3.79 -1.20
C GLY B 233 33.05 4.20 0.04
N ARG B 234 31.73 4.37 -0.05
CA ARG B 234 30.91 4.83 1.06
C ARG B 234 29.94 3.74 1.49
N ALA B 235 29.69 3.68 2.79
CA ALA B 235 28.74 2.73 3.35
C ALA B 235 27.34 3.34 3.42
N ILE B 236 26.35 2.47 3.57
CA ILE B 236 24.95 2.88 3.50
C ILE B 236 24.14 2.06 4.49
N GLN B 237 23.34 2.74 5.32
CA GLN B 237 22.49 2.06 6.28
C GLN B 237 21.36 1.35 5.56
N GLY B 238 21.26 0.03 5.75
CA GLY B 238 20.28 -0.76 5.04
C GLY B 238 18.97 -0.95 5.77
N GLY B 239 18.97 -0.71 7.08
CA GLY B 239 17.78 -0.87 7.89
C GLY B 239 18.06 -0.75 9.37
N THR B 240 17.04 -0.45 10.16
CA THR B 240 17.21 -0.24 11.60
C THR B 240 16.10 -0.95 12.36
N SER B 241 16.46 -1.44 13.54
CA SER B 241 15.51 -2.04 14.48
C SER B 241 15.83 -1.48 15.86
N HIS B 242 15.06 -0.49 16.28
CA HIS B 242 15.33 0.21 17.54
C HIS B 242 14.66 -0.50 18.71
N HIS B 243 15.21 -0.24 19.90
CA HIS B 243 14.56 -0.60 21.16
C HIS B 243 14.28 0.71 21.89
N LEU B 244 13.01 1.15 21.84
CA LEU B 244 12.64 2.43 22.41
C LEU B 244 12.53 2.39 23.93
N GLY B 245 12.41 1.21 24.52
CA GLY B 245 12.33 1.12 25.97
C GLY B 245 11.05 1.75 26.49
N GLN B 246 11.19 2.53 27.57
CA GLN B 246 10.07 3.20 28.21
C GLN B 246 10.06 4.70 27.95
N ASN B 247 10.87 5.18 26.99
CA ASN B 247 10.96 6.62 26.77
C ASN B 247 9.65 7.18 26.21
N PHE B 248 9.09 6.51 25.20
CA PHE B 248 7.84 7.00 24.62
C PHE B 248 6.64 6.70 25.51
N SER B 249 6.61 5.52 26.14
CA SER B 249 5.46 5.14 26.95
C SER B 249 5.35 6.01 28.20
N LYS B 250 6.47 6.57 28.65
CA LYS B 250 6.40 7.45 29.82
C LYS B 250 5.81 8.80 29.48
N MET B 251 6.04 9.29 28.25
CA MET B 251 5.50 10.56 27.82
C MET B 251 4.20 10.42 27.04
N PHE B 252 3.82 9.20 26.66
CA PHE B 252 2.53 8.93 26.03
C PHE B 252 1.61 8.11 26.90
N GLU B 253 1.91 7.99 28.20
CA GLU B 253 1.11 7.28 29.20
C GLU B 253 0.50 5.99 28.66
N ILE B 254 1.39 5.11 28.21
CA ILE B 254 1.01 3.76 27.77
C ILE B 254 1.43 2.82 28.88
N VAL B 255 0.55 2.65 29.87
CA VAL B 255 0.89 1.93 31.09
C VAL B 255 -0.17 0.89 31.41
N PHE B 256 0.22 -0.07 32.24
CA PHE B 256 -0.66 -1.13 32.71
C PHE B 256 -0.38 -1.38 34.19
N GLU B 257 -1.42 -1.83 34.90
CA GLU B 257 -1.30 -2.04 36.34
C GLU B 257 -0.40 -3.22 36.64
N ASP B 258 0.36 -3.12 37.73
CA ASP B 258 1.21 -4.22 38.15
C ASP B 258 0.35 -5.38 38.61
N PRO B 259 0.55 -6.60 38.09
CA PRO B 259 -0.33 -7.70 38.47
C PRO B 259 -0.17 -8.15 39.91
N LYS B 260 1.01 -7.96 40.50
CA LYS B 260 1.26 -8.42 41.87
C LYS B 260 0.94 -7.31 42.87
N ILE B 261 1.80 -6.29 42.94
CA ILE B 261 1.62 -5.20 43.89
C ILE B 261 0.63 -4.18 43.33
N PRO B 262 -0.29 -3.67 44.15
CA PRO B 262 -1.27 -2.73 43.64
C PRO B 262 -0.73 -1.30 43.61
N GLY B 263 -1.33 -0.50 42.73
CA GLY B 263 -0.98 0.90 42.61
C GLY B 263 0.41 1.18 42.08
N GLU B 264 1.03 0.21 41.42
CA GLU B 264 2.38 0.37 40.87
C GLU B 264 2.25 0.44 39.35
N LYS B 265 2.02 1.66 38.86
CA LYS B 265 1.92 1.88 37.42
C LYS B 265 3.27 1.62 36.75
N GLN B 266 3.26 0.82 35.69
CA GLN B 266 4.47 0.39 35.01
C GLN B 266 4.42 0.85 33.55
N PHE B 267 5.53 1.44 33.10
CA PHE B 267 5.63 1.85 31.70
C PHE B 267 5.83 0.64 30.80
N ALA B 268 5.35 0.76 29.56
CA ALA B 268 5.46 -0.32 28.59
C ALA B 268 6.76 -0.19 27.79
N TYR B 269 7.36 -1.33 27.49
CA TYR B 269 8.59 -1.38 26.69
C TYR B 269 8.22 -1.49 25.22
N GLN B 270 8.83 -0.65 24.39
CA GLN B 270 8.44 -0.50 22.99
C GLN B 270 9.62 -0.71 22.08
N ASN B 271 9.31 -1.08 20.83
CA ASN B 271 10.28 -1.21 19.75
C ASN B 271 9.76 -0.48 18.52
N SER B 272 10.65 -0.28 17.55
CA SER B 272 10.26 0.20 16.23
C SER B 272 11.33 -0.21 15.23
N TRP B 273 10.92 -0.53 14.02
CA TRP B 273 11.84 -1.00 12.99
C TRP B 273 11.31 -0.61 11.62
N GLY B 274 12.21 -0.27 10.72
CA GLY B 274 11.82 0.23 9.41
C GLY B 274 12.72 -0.31 8.31
N LEU B 275 12.16 -0.38 7.10
CA LEU B 275 12.89 -0.80 5.91
C LEU B 275 12.29 -0.07 4.72
N THR B 276 13.12 0.69 4.01
CA THR B 276 12.67 1.63 2.99
C THR B 276 13.03 1.13 1.60
N THR B 277 12.58 1.89 0.59
CA THR B 277 12.89 1.60 -0.81
C THR B 277 14.35 1.85 -1.16
N ARG B 278 15.17 2.27 -0.18
CA ARG B 278 16.60 2.37 -0.41
C ARG B 278 17.19 1.03 -0.83
N THR B 279 16.53 -0.07 -0.47
CA THR B 279 16.97 -1.41 -0.86
C THR B 279 17.21 -1.49 -2.37
N ILE B 280 16.32 -0.91 -3.16
CA ILE B 280 16.45 -0.97 -4.61
C ILE B 280 17.70 -0.23 -5.07
N GLY B 281 17.99 0.91 -4.46
CA GLY B 281 19.17 1.68 -4.86
C GLY B 281 20.46 1.00 -4.50
N VAL B 282 20.53 0.38 -3.31
CA VAL B 282 21.72 -0.36 -2.93
C VAL B 282 21.90 -1.58 -3.83
N MET B 283 20.79 -2.16 -4.31
CA MET B 283 20.90 -3.29 -5.23
C MET B 283 21.54 -2.88 -6.54
N THR B 284 21.16 -1.71 -7.07
CA THR B 284 21.73 -1.24 -8.33
C THR B 284 23.17 -0.77 -8.16
N MET B 285 23.47 -0.13 -7.02
CA MET B 285 24.83 0.34 -6.78
C MET B 285 25.81 -0.81 -6.60
N VAL B 286 25.35 -1.96 -6.12
CA VAL B 286 26.23 -3.09 -5.85
C VAL B 286 26.33 -4.02 -7.05
N HIS B 287 25.19 -4.46 -7.59
CA HIS B 287 25.18 -5.47 -8.64
C HIS B 287 25.25 -4.90 -10.04
N GLY B 288 24.79 -3.67 -10.24
CA GLY B 288 24.73 -3.12 -11.59
C GLY B 288 26.10 -2.94 -12.21
N ASP B 289 26.22 -3.34 -13.47
CA ASP B 289 27.44 -3.17 -14.23
C ASP B 289 27.26 -2.08 -15.29
N ASN B 290 28.15 -2.06 -16.28
CA ASN B 290 28.13 -1.04 -17.32
C ASN B 290 27.38 -1.48 -18.57
N MET B 291 26.60 -2.56 -18.49
CA MET B 291 25.76 -3.00 -19.59
C MET B 291 24.27 -2.84 -19.27
N GLY B 292 23.94 -2.21 -18.16
CA GLY B 292 22.58 -1.98 -17.73
C GLY B 292 22.39 -2.43 -16.31
N LEU B 293 21.15 -2.82 -15.99
CA LEU B 293 20.83 -3.27 -14.66
C LEU B 293 21.21 -4.74 -14.47
N VAL B 294 21.26 -5.16 -13.21
CA VAL B 294 21.53 -6.55 -12.84
C VAL B 294 20.57 -6.92 -11.71
N LEU B 295 19.61 -7.81 -11.99
CA LEU B 295 18.60 -8.17 -11.00
C LEU B 295 18.89 -9.53 -10.40
N PRO B 296 18.85 -9.66 -9.08
CA PRO B 296 18.90 -10.99 -8.45
C PRO B 296 17.63 -11.76 -8.77
N PRO B 297 17.75 -13.06 -9.08
CA PRO B 297 16.55 -13.83 -9.48
C PRO B 297 15.48 -13.92 -8.41
N ARG B 298 15.82 -13.75 -7.13
CA ARG B 298 14.81 -13.84 -6.08
C ARG B 298 13.84 -12.67 -6.13
N VAL B 299 14.35 -11.47 -6.45
CA VAL B 299 13.51 -10.28 -6.55
C VAL B 299 13.25 -9.89 -8.00
N ALA B 300 13.65 -10.73 -8.95
CA ALA B 300 13.48 -10.40 -10.36
C ALA B 300 12.01 -10.49 -10.74
N CYS B 301 11.44 -9.37 -11.18
CA CYS B 301 10.07 -9.38 -11.70
C CYS B 301 9.95 -10.33 -12.88
N VAL B 302 10.90 -10.26 -13.81
CA VAL B 302 10.97 -11.17 -14.95
C VAL B 302 12.31 -11.91 -14.83
N GLN B 303 12.26 -13.18 -14.42
CA GLN B 303 13.48 -13.96 -14.28
C GLN B 303 14.08 -14.28 -15.64
N VAL B 304 13.37 -15.06 -16.44
CA VAL B 304 13.80 -15.41 -17.79
C VAL B 304 12.93 -14.64 -18.79
N VAL B 305 13.54 -14.28 -19.91
CA VAL B 305 12.82 -13.66 -21.02
C VAL B 305 13.16 -14.44 -22.29
N ILE B 306 12.14 -14.76 -23.08
CA ILE B 306 12.29 -15.54 -24.30
C ILE B 306 12.05 -14.62 -25.49
N ILE B 307 13.00 -14.61 -26.42
CA ILE B 307 12.93 -13.74 -27.59
C ILE B 307 13.16 -14.57 -28.85
N PRO B 308 12.28 -14.49 -29.84
CA PRO B 308 12.53 -15.21 -31.10
C PRO B 308 13.65 -14.56 -31.90
N CYS B 309 14.34 -15.38 -32.67
CA CYS B 309 15.46 -14.94 -33.50
C CYS B 309 15.31 -15.54 -34.89
N GLY B 310 16.22 -15.14 -35.79
CA GLY B 310 16.20 -15.62 -37.16
C GLY B 310 15.04 -15.08 -37.96
N ALA B 314 13.32 -14.03 -46.22
CA ALA B 314 13.40 -15.49 -46.25
C ALA B 314 12.66 -16.10 -45.07
N LEU B 315 11.79 -15.30 -44.44
CA LEU B 315 11.02 -15.74 -43.29
C LEU B 315 9.74 -16.39 -43.78
N SER B 316 9.72 -17.72 -43.82
CA SER B 316 8.52 -18.46 -44.22
C SER B 316 7.42 -18.24 -43.19
N GLU B 317 6.32 -17.63 -43.63
CA GLU B 317 5.23 -17.29 -42.71
C GLU B 317 4.67 -18.53 -42.03
N GLU B 318 4.63 -19.66 -42.73
CA GLU B 318 4.20 -20.90 -42.11
C GLU B 318 5.22 -21.37 -41.08
N ASP B 319 6.51 -21.32 -41.43
CA ASP B 319 7.56 -21.69 -40.48
C ASP B 319 7.75 -20.62 -39.41
N LYS B 320 7.45 -19.35 -39.74
CA LYS B 320 7.51 -18.31 -38.73
C LYS B 320 6.45 -18.51 -37.66
N GLU B 321 5.30 -19.06 -38.02
CA GLU B 321 4.26 -19.41 -37.06
C GLU B 321 4.59 -20.68 -36.28
N ALA B 322 5.72 -21.32 -36.58
CA ALA B 322 6.10 -22.56 -35.93
C ALA B 322 7.02 -22.35 -34.74
N LEU B 323 7.94 -21.38 -34.83
CA LEU B 323 8.84 -21.10 -33.72
C LEU B 323 8.28 -20.09 -32.73
N ILE B 324 7.30 -19.28 -33.14
CA ILE B 324 6.58 -18.48 -32.16
C ILE B 324 5.72 -19.38 -31.28
N ALA B 325 5.25 -20.50 -31.82
CA ALA B 325 4.64 -21.52 -30.98
C ALA B 325 5.68 -22.25 -30.15
N LYS B 326 6.87 -22.48 -30.72
CA LYS B 326 7.98 -22.99 -29.93
C LYS B 326 8.41 -21.99 -28.87
N CYS B 327 8.23 -20.69 -29.15
CA CYS B 327 8.48 -19.68 -28.12
C CYS B 327 7.47 -19.81 -26.98
N ASN B 328 6.18 -19.86 -27.31
CA ASN B 328 5.16 -20.00 -26.28
C ASN B 328 5.18 -21.38 -25.63
N ASP B 329 5.83 -22.35 -26.25
CA ASP B 329 5.96 -23.67 -25.62
C ASP B 329 6.87 -23.60 -24.40
N TYR B 330 8.01 -22.90 -24.53
CA TYR B 330 8.92 -22.75 -23.39
C TYR B 330 8.26 -21.98 -22.26
N ARG B 331 7.47 -20.94 -22.60
CA ARG B 331 6.82 -20.15 -21.58
C ARG B 331 5.84 -20.98 -20.77
N ARG B 332 5.02 -21.79 -21.46
CA ARG B 332 4.10 -22.68 -20.77
C ARG B 332 4.85 -23.73 -19.94
N ARG B 333 6.04 -24.15 -20.40
CA ARG B 333 6.83 -25.10 -19.63
C ARG B 333 7.42 -24.44 -18.38
N LEU B 334 7.86 -23.19 -18.50
CA LEU B 334 8.59 -22.55 -17.41
C LEU B 334 7.66 -22.09 -16.29
N LEU B 335 6.48 -21.57 -16.62
CA LEU B 335 5.55 -21.16 -15.59
C LEU B 335 5.03 -22.33 -14.77
N SER B 336 5.12 -23.55 -15.29
CA SER B 336 4.76 -24.73 -14.51
C SER B 336 5.76 -24.98 -13.39
N VAL B 337 7.01 -24.56 -13.58
CA VAL B 337 8.04 -24.69 -12.55
C VAL B 337 8.20 -23.38 -11.77
N ASN B 338 7.16 -22.54 -11.76
CA ASN B 338 7.18 -21.25 -11.07
C ASN B 338 8.33 -20.36 -11.54
N ILE B 339 8.71 -20.49 -12.80
CA ILE B 339 9.70 -19.61 -13.40
C ILE B 339 8.97 -18.43 -14.04
N ARG B 340 9.31 -17.22 -13.61
CA ARG B 340 8.65 -16.02 -14.08
C ARG B 340 9.26 -15.60 -15.42
N VAL B 341 8.46 -15.63 -16.48
CA VAL B 341 8.94 -15.39 -17.83
C VAL B 341 7.89 -14.61 -18.62
N ARG B 342 8.34 -13.67 -19.43
CA ARG B 342 7.50 -12.97 -20.39
C ARG B 342 7.97 -13.28 -21.80
N ALA B 343 7.02 -13.56 -22.68
CA ALA B 343 7.31 -13.81 -24.09
C ALA B 343 7.28 -12.47 -24.84
N ASP B 344 8.46 -11.91 -25.09
CA ASP B 344 8.58 -10.66 -25.83
C ASP B 344 8.50 -10.99 -27.31
N LEU B 345 7.27 -11.00 -27.83
CA LEU B 345 6.99 -11.37 -29.21
C LEU B 345 6.47 -10.19 -30.03
N ARG B 346 6.82 -8.97 -29.63
CA ARG B 346 6.31 -7.78 -30.29
C ARG B 346 6.91 -7.65 -31.68
N ASP B 347 6.05 -7.54 -32.69
CA ASP B 347 6.48 -7.49 -34.09
C ASP B 347 6.87 -6.09 -34.54
N ASN B 348 6.73 -5.08 -33.68
CA ASN B 348 7.08 -3.71 -34.01
C ASN B 348 8.47 -3.33 -33.53
N TYR B 349 9.28 -4.30 -33.12
CA TYR B 349 10.62 -4.04 -32.63
C TYR B 349 11.55 -5.18 -33.05
N SER B 350 12.79 -4.84 -33.36
CA SER B 350 13.75 -5.84 -33.77
C SER B 350 14.19 -6.71 -32.59
N PRO B 351 14.61 -7.95 -32.84
CA PRO B 351 15.11 -8.78 -31.73
C PRO B 351 16.37 -8.21 -31.08
N GLY B 352 17.23 -7.55 -31.85
CA GLY B 352 18.39 -6.90 -31.26
C GLY B 352 18.01 -5.78 -30.31
N TRP B 353 16.93 -5.05 -30.63
CA TRP B 353 16.42 -4.05 -29.69
C TRP B 353 15.91 -4.70 -28.41
N LYS B 354 15.24 -5.85 -28.54
CA LYS B 354 14.72 -6.55 -27.37
C LYS B 354 15.85 -7.01 -26.45
N PHE B 355 16.98 -7.42 -27.03
CA PHE B 355 18.12 -7.85 -26.23
C PHE B 355 18.61 -6.73 -25.32
N ASN B 356 18.97 -5.60 -25.92
CA ASN B 356 19.47 -4.47 -25.13
C ASN B 356 18.38 -3.90 -24.22
N HIS B 357 17.10 -4.04 -24.61
CA HIS B 357 16.01 -3.56 -23.77
C HIS B 357 15.94 -4.35 -22.47
N TRP B 358 15.97 -5.68 -22.56
CA TRP B 358 15.93 -6.51 -21.37
C TRP B 358 17.28 -6.59 -20.66
N GLU B 359 18.38 -6.33 -21.39
CA GLU B 359 19.68 -6.26 -20.73
C GLU B 359 19.76 -5.05 -19.80
N LEU B 360 19.35 -3.87 -20.30
CA LEU B 360 19.36 -2.67 -19.48
C LEU B 360 18.42 -2.79 -18.28
N LYS B 361 17.41 -3.66 -18.36
CA LYS B 361 16.53 -3.91 -17.23
C LYS B 361 17.09 -4.96 -16.28
N GLY B 362 17.98 -5.83 -16.74
CA GLY B 362 18.69 -6.73 -15.87
C GLY B 362 18.02 -8.07 -15.63
N VAL B 363 17.23 -8.56 -16.57
CA VAL B 363 16.62 -9.88 -16.39
C VAL B 363 17.73 -10.93 -16.31
N PRO B 364 17.72 -11.81 -15.30
CA PRO B 364 18.84 -12.76 -15.12
C PRO B 364 19.16 -13.59 -16.35
N ILE B 365 18.20 -14.38 -16.82
CA ILE B 365 18.42 -15.25 -17.97
C ILE B 365 17.59 -14.73 -19.15
N ARG B 366 18.12 -14.91 -20.35
CA ARG B 366 17.44 -14.54 -21.59
C ARG B 366 17.46 -15.73 -22.53
N LEU B 367 16.28 -16.18 -22.95
CA LEU B 367 16.16 -17.33 -23.83
C LEU B 367 16.09 -16.88 -25.29
N GLU B 368 16.83 -17.57 -26.15
CA GLU B 368 16.85 -17.28 -27.58
C GLU B 368 16.54 -18.55 -28.35
N VAL B 369 15.74 -18.41 -29.42
CA VAL B 369 15.39 -19.53 -30.27
C VAL B 369 15.28 -19.06 -31.71
N GLY B 370 16.08 -19.66 -32.60
CA GLY B 370 16.02 -19.37 -34.01
C GLY B 370 15.60 -20.60 -34.79
N PRO B 371 15.36 -20.45 -36.10
CA PRO B 371 14.96 -21.60 -36.91
C PRO B 371 16.00 -22.71 -36.94
N ARG B 372 17.28 -22.39 -36.76
CA ARG B 372 18.32 -23.40 -36.80
C ARG B 372 18.28 -24.29 -35.55
N ASP B 373 18.29 -23.66 -34.38
CA ASP B 373 18.30 -24.42 -33.14
C ASP B 373 16.92 -24.95 -32.75
N MET B 374 15.85 -24.37 -33.28
CA MET B 374 14.52 -24.92 -33.03
C MET B 374 14.36 -26.27 -33.72
N LYS B 375 14.89 -26.40 -34.94
CA LYS B 375 14.93 -27.70 -35.60
C LYS B 375 15.99 -28.61 -34.97
N SER B 376 17.00 -28.05 -34.33
CA SER B 376 18.01 -28.82 -33.63
C SER B 376 17.59 -29.20 -32.21
N CYS B 377 16.40 -28.79 -31.78
CA CYS B 377 15.87 -29.11 -30.45
C CYS B 377 16.82 -28.62 -29.35
N GLN B 378 17.20 -27.35 -29.43
CA GLN B 378 18.10 -26.74 -28.47
C GLN B 378 17.89 -25.24 -28.47
N PHE B 379 18.49 -24.57 -27.49
CA PHE B 379 18.42 -23.13 -27.39
C PHE B 379 19.57 -22.63 -26.53
N VAL B 380 19.87 -21.35 -26.67
CA VAL B 380 20.95 -20.70 -25.93
C VAL B 380 20.35 -19.83 -24.83
N ALA B 381 21.03 -19.78 -23.69
CA ALA B 381 20.61 -18.98 -22.54
C ALA B 381 21.83 -18.24 -22.01
N VAL B 382 21.75 -16.92 -21.98
CA VAL B 382 22.87 -16.07 -21.58
C VAL B 382 22.56 -15.42 -20.24
N ARG B 383 23.49 -15.57 -19.29
CA ARG B 383 23.33 -14.96 -17.99
C ARG B 383 23.54 -13.45 -18.07
N ARG B 384 22.84 -12.72 -17.21
CA ARG B 384 22.97 -11.27 -17.19
C ARG B 384 24.23 -10.82 -16.45
N ASP B 385 24.60 -11.54 -15.39
CA ASP B 385 25.76 -11.13 -14.60
C ASP B 385 27.07 -11.44 -15.31
N THR B 386 27.17 -12.61 -15.94
CA THR B 386 28.40 -13.03 -16.60
C THR B 386 28.38 -12.83 -18.11
N GLY B 387 27.27 -13.16 -18.75
CA GLY B 387 27.19 -13.09 -20.21
C GLY B 387 27.49 -14.38 -20.92
N GLU B 388 27.45 -15.51 -20.22
CA GLU B 388 27.83 -16.80 -20.79
C GLU B 388 26.69 -17.30 -21.68
N LYS B 389 26.90 -17.27 -22.99
CA LYS B 389 25.95 -17.83 -23.96
C LYS B 389 26.17 -19.33 -24.01
N LEU B 390 25.41 -20.07 -23.21
CA LEU B 390 25.52 -21.52 -23.13
C LEU B 390 24.32 -22.15 -23.81
N THR B 391 24.59 -22.96 -24.84
CA THR B 391 23.53 -23.70 -25.51
C THR B 391 23.15 -24.93 -24.70
N VAL B 392 21.85 -25.16 -24.56
CA VAL B 392 21.34 -26.27 -23.76
C VAL B 392 20.28 -27.02 -24.56
N ALA B 393 20.02 -28.25 -24.14
CA ALA B 393 19.05 -29.09 -24.82
C ALA B 393 17.63 -28.61 -24.55
N GLU B 394 16.68 -29.15 -25.33
CA GLU B 394 15.28 -28.78 -25.16
C GLU B 394 14.64 -29.59 -24.05
N ASN B 395 15.01 -30.87 -23.92
CA ASN B 395 14.44 -31.70 -22.86
C ASN B 395 14.98 -31.34 -21.49
N GLU B 396 16.18 -30.75 -21.41
CA GLU B 396 16.76 -30.37 -20.14
C GLU B 396 16.76 -28.86 -19.97
N ALA B 397 15.58 -28.24 -20.07
CA ALA B 397 15.45 -26.79 -19.98
C ALA B 397 15.12 -26.33 -18.57
N GLU B 398 14.00 -26.82 -18.02
CA GLU B 398 13.57 -26.38 -16.70
C GLU B 398 14.57 -26.76 -15.62
N THR B 399 15.27 -27.88 -15.81
CA THR B 399 16.29 -28.26 -14.84
C THR B 399 17.51 -27.36 -14.92
N LYS B 400 17.94 -27.01 -16.14
CA LYS B 400 19.10 -26.16 -16.32
C LYS B 400 18.79 -24.71 -15.98
N LEU B 401 17.67 -24.18 -16.47
CA LEU B 401 17.31 -22.79 -16.21
C LEU B 401 17.15 -22.51 -14.72
N GLN B 402 16.72 -23.51 -13.95
CA GLN B 402 16.62 -23.33 -12.49
C GLN B 402 17.99 -23.35 -11.83
N ALA B 403 18.88 -24.23 -12.30
CA ALA B 403 20.22 -24.31 -11.70
C ALA B 403 21.05 -23.07 -12.01
N ILE B 404 20.82 -22.43 -13.16
CA ILE B 404 21.57 -21.23 -13.48
C ILE B 404 21.03 -20.02 -12.71
N LEU B 405 19.71 -19.97 -12.48
CA LEU B 405 19.14 -18.90 -11.68
C LEU B 405 19.70 -18.90 -10.26
N GLU B 406 19.82 -20.09 -9.66
CA GLU B 406 20.43 -20.17 -8.34
C GLU B 406 21.91 -19.82 -8.38
N ASP B 407 22.58 -20.12 -9.50
CA ASP B 407 23.99 -19.77 -9.63
C ASP B 407 24.18 -18.26 -9.66
N ILE B 408 23.25 -17.53 -10.28
CA ILE B 408 23.35 -16.07 -10.31
C ILE B 408 23.18 -15.49 -8.91
N GLN B 409 22.24 -16.06 -8.13
CA GLN B 409 21.99 -15.54 -6.80
C GLN B 409 23.19 -15.74 -5.88
N VAL B 410 23.85 -16.90 -5.98
CA VAL B 410 24.96 -17.18 -5.08
C VAL B 410 26.25 -16.51 -5.54
N THR B 411 26.47 -16.40 -6.85
CA THR B 411 27.66 -15.71 -7.34
C THR B 411 27.63 -14.23 -6.97
N LEU B 412 26.53 -13.55 -7.29
CA LEU B 412 26.38 -12.16 -6.88
C LEU B 412 26.54 -11.99 -5.37
N PHE B 413 26.16 -13.00 -4.60
CA PHE B 413 26.32 -12.93 -3.16
C PHE B 413 27.77 -13.08 -2.75
N THR B 414 28.46 -14.10 -3.29
CA THR B 414 29.85 -14.32 -2.94
C THR B 414 30.76 -13.23 -3.51
N ARG B 415 30.42 -12.70 -4.69
CA ARG B 415 31.21 -11.61 -5.25
C ARG B 415 31.07 -10.33 -4.43
N ALA B 416 29.87 -10.06 -3.92
CA ALA B 416 29.67 -8.87 -3.12
C ALA B 416 30.26 -9.02 -1.73
N SER B 417 30.33 -10.24 -1.20
CA SER B 417 31.00 -10.47 0.08
C SER B 417 32.51 -10.46 -0.09
N GLU B 418 33.02 -10.88 -1.25
CA GLU B 418 34.45 -10.75 -1.51
C GLU B 418 34.86 -9.29 -1.56
N ASP B 419 34.03 -8.44 -2.18
CA ASP B 419 34.29 -7.01 -2.13
C ASP B 419 34.12 -6.45 -0.73
N LEU B 420 33.29 -7.10 0.09
CA LEU B 420 33.07 -6.63 1.46
C LEU B 420 34.26 -6.95 2.35
N LYS B 421 34.66 -8.22 2.41
CA LYS B 421 35.78 -8.61 3.26
C LYS B 421 37.08 -7.93 2.85
N THR B 422 37.25 -7.68 1.55
CA THR B 422 38.45 -6.98 1.09
C THR B 422 38.43 -5.51 1.53
N HIS B 423 37.26 -4.90 1.57
CA HIS B 423 37.10 -3.49 1.89
C HIS B 423 36.69 -3.26 3.34
N MET B 424 36.73 -4.28 4.18
CA MET B 424 36.44 -4.16 5.61
C MET B 424 37.70 -4.57 6.37
N VAL B 425 38.49 -3.58 6.78
CA VAL B 425 39.76 -3.82 7.43
C VAL B 425 39.74 -3.17 8.82
N VAL B 426 40.74 -3.52 9.61
CA VAL B 426 40.87 -3.06 10.99
C VAL B 426 42.00 -2.04 11.07
N ALA B 427 41.79 -0.99 11.88
CA ALA B 427 42.78 0.05 12.09
C ALA B 427 42.91 0.31 13.58
N ASN B 428 44.15 0.37 14.07
CA ASN B 428 44.42 0.55 15.50
C ASN B 428 44.73 2.01 15.84
N THR B 429 45.74 2.59 15.20
CA THR B 429 46.11 3.97 15.46
C THR B 429 45.28 4.91 14.57
N MET B 430 45.71 6.15 14.44
CA MET B 430 45.01 7.12 13.59
C MET B 430 45.66 7.28 12.22
N GLU B 431 46.95 6.99 12.10
CA GLU B 431 47.61 7.11 10.80
C GLU B 431 47.15 6.03 9.84
N ASP B 432 47.07 4.78 10.31
CA ASP B 432 46.60 3.70 9.45
C ASP B 432 45.11 3.84 9.15
N PHE B 433 44.33 4.37 10.10
CA PHE B 433 42.91 4.54 9.88
C PHE B 433 42.63 5.50 8.74
N GLN B 434 43.45 6.54 8.61
CA GLN B 434 43.25 7.52 7.54
C GLN B 434 43.81 7.03 6.21
N LYS B 435 44.80 6.13 6.24
CA LYS B 435 45.37 5.62 4.99
C LYS B 435 44.41 4.65 4.30
N ILE B 436 43.75 3.79 5.07
CA ILE B 436 42.83 2.83 4.47
C ILE B 436 41.44 3.41 4.25
N LEU B 437 41.09 4.49 4.94
CA LEU B 437 39.80 5.13 4.71
C LEU B 437 39.82 5.97 3.44
N ASP B 438 40.93 6.64 3.15
CA ASP B 438 41.04 7.42 1.93
C ASP B 438 41.32 6.57 0.70
N SER B 439 41.55 5.27 0.88
CA SER B 439 41.68 4.35 -0.24
C SER B 439 40.34 3.85 -0.76
N GLY B 440 39.24 4.26 -0.13
CA GLY B 440 37.92 3.85 -0.54
C GLY B 440 37.34 2.67 0.22
N LYS B 441 37.74 2.46 1.47
CA LYS B 441 37.29 1.32 2.25
C LYS B 441 36.88 1.77 3.64
N ILE B 442 36.11 0.92 4.32
CA ILE B 442 35.69 1.18 5.68
C ILE B 442 36.73 0.62 6.64
N VAL B 443 36.76 1.17 7.85
CA VAL B 443 37.76 0.80 8.85
C VAL B 443 37.08 0.63 10.20
N GLN B 444 37.55 -0.33 10.98
CA GLN B 444 37.10 -0.53 12.36
C GLN B 444 38.16 0.03 13.29
N ILE B 445 37.81 1.09 14.02
CA ILE B 445 38.78 1.83 14.83
C ILE B 445 38.40 1.72 16.31
N PRO B 446 39.36 1.83 17.23
CA PRO B 446 39.01 1.85 18.65
C PRO B 446 38.30 3.16 19.00
N PHE B 447 37.20 3.05 19.74
CA PHE B 447 36.38 4.21 20.04
C PHE B 447 35.98 4.20 21.51
N CYS B 448 35.94 5.39 22.10
CA CYS B 448 35.56 5.56 23.50
C CYS B 448 34.05 5.72 23.68
N GLY B 449 33.29 5.77 22.59
CA GLY B 449 31.85 5.93 22.66
C GLY B 449 31.37 7.35 22.87
N GLU B 450 32.28 8.31 23.06
CA GLU B 450 31.88 9.69 23.28
C GLU B 450 31.44 10.33 21.97
N ILE B 451 30.54 11.31 22.09
CA ILE B 451 29.98 11.95 20.90
C ILE B 451 30.99 12.89 20.26
N ASP B 452 31.72 13.67 21.07
CA ASP B 452 32.65 14.66 20.52
C ASP B 452 33.86 14.03 19.86
N CYS B 453 34.20 12.79 20.22
CA CYS B 453 35.31 12.12 19.53
C CYS B 453 34.90 11.68 18.13
N GLU B 454 33.62 11.34 17.94
CA GLU B 454 33.14 11.02 16.60
C GLU B 454 33.12 12.25 15.71
N ASP B 455 32.85 13.44 16.28
CA ASP B 455 32.92 14.67 15.50
C ASP B 455 34.35 15.07 15.20
N TRP B 456 35.32 14.63 16.00
CA TRP B 456 36.71 14.96 15.75
C TRP B 456 37.30 14.11 14.63
N ILE B 457 37.03 12.79 14.65
CA ILE B 457 37.52 11.93 13.58
C ILE B 457 36.86 12.29 12.26
N LYS B 458 35.66 12.87 12.31
CA LYS B 458 35.01 13.32 11.08
C LYS B 458 35.74 14.51 10.47
N LYS B 459 36.37 15.34 11.28
CA LYS B 459 37.08 16.51 10.79
C LYS B 459 38.57 16.24 10.55
N THR B 460 39.12 15.17 11.13
CA THR B 460 40.54 14.89 10.95
C THR B 460 40.85 14.42 9.54
N THR B 461 39.95 13.62 8.95
CA THR B 461 40.14 13.08 7.62
C THR B 461 39.37 13.84 6.55
N ALA B 462 38.60 14.86 6.93
CA ALA B 462 37.85 15.64 5.95
C ALA B 462 38.74 16.68 5.28
N MET B 474 34.52 15.40 2.75
CA MET B 474 33.89 14.13 3.10
C MET B 474 33.68 14.00 4.60
N GLY B 475 34.65 13.39 5.27
CA GLY B 475 34.56 13.18 6.70
C GLY B 475 33.93 11.85 7.06
N ALA B 476 34.60 11.09 7.92
CA ALA B 476 34.13 9.76 8.30
C ALA B 476 33.13 9.85 9.46
N LYS B 477 32.04 9.11 9.34
CA LYS B 477 31.02 9.04 10.38
C LYS B 477 30.98 7.64 10.97
N SER B 478 30.42 7.54 12.16
CA SER B 478 30.29 6.25 12.83
C SER B 478 29.17 5.44 12.18
N LEU B 479 29.50 4.22 11.75
CA LEU B 479 28.54 3.35 11.08
C LEU B 479 27.79 2.50 12.09
N CYS B 480 28.45 1.45 12.59
CA CYS B 480 27.82 0.55 13.54
C CYS B 480 28.89 -0.09 14.41
N ILE B 481 28.50 -0.48 15.61
CA ILE B 481 29.36 -1.26 16.50
C ILE B 481 29.04 -2.74 16.26
N PRO B 482 29.86 -3.45 15.49
CA PRO B 482 29.45 -4.79 15.03
C PRO B 482 29.27 -5.76 16.19
N PHE B 483 28.19 -6.55 16.11
CA PHE B 483 27.99 -7.62 17.07
C PHE B 483 29.12 -8.65 16.99
N LYS B 484 29.62 -8.89 15.78
CA LYS B 484 30.77 -9.77 15.54
C LYS B 484 31.92 -8.93 15.00
N PRO B 485 32.78 -8.39 15.86
CA PRO B 485 33.92 -7.60 15.37
C PRO B 485 34.93 -8.48 14.65
N LEU B 486 35.78 -7.83 13.86
CA LEU B 486 36.77 -8.57 13.08
C LEU B 486 37.87 -9.12 13.97
N CYS B 487 38.37 -8.33 14.91
CA CYS B 487 39.40 -8.77 15.84
C CYS B 487 39.04 -8.35 17.26
N GLU B 488 39.47 -9.15 18.23
CA GLU B 488 39.16 -8.87 19.62
C GLU B 488 40.00 -7.70 20.13
N LEU B 489 39.45 -6.99 21.11
CA LEU B 489 40.10 -5.83 21.71
C LEU B 489 40.68 -6.24 23.06
N GLN B 490 42.01 -6.20 23.16
CA GLN B 490 42.67 -6.52 24.42
C GLN B 490 42.58 -5.34 25.38
N PRO B 491 42.43 -5.61 26.68
CA PRO B 491 42.34 -4.50 27.66
C PRO B 491 43.64 -3.70 27.72
N GLY B 492 43.61 -2.48 27.18
CA GLY B 492 44.77 -1.63 27.18
C GLY B 492 44.80 -0.64 26.04
N ALA B 493 44.34 -1.07 24.86
CA ALA B 493 44.33 -0.19 23.70
C ALA B 493 43.28 0.90 23.88
N LYS B 494 43.69 2.15 23.68
CA LYS B 494 42.82 3.30 23.83
C LYS B 494 42.23 3.70 22.47
N CYS B 495 41.29 4.65 22.53
CA CYS B 495 40.64 5.14 21.33
C CYS B 495 41.62 5.92 20.45
N VAL B 496 41.16 6.27 19.26
CA VAL B 496 42.02 7.01 18.32
C VAL B 496 42.33 8.41 18.83
N CYS B 497 41.53 8.93 19.76
CA CYS B 497 41.84 10.23 20.36
C CYS B 497 43.01 10.16 21.32
N GLY B 498 43.32 8.97 21.84
CA GLY B 498 44.43 8.78 22.74
C GLY B 498 44.17 9.18 24.18
N LYS B 499 43.01 9.78 24.48
CA LYS B 499 42.72 10.21 25.84
C LYS B 499 41.96 9.14 26.63
N ASN B 500 40.87 8.62 26.07
CA ASN B 500 40.04 7.65 26.77
C ASN B 500 40.24 6.25 26.21
N PRO B 501 40.15 5.23 27.06
CA PRO B 501 40.28 3.85 26.57
C PRO B 501 39.15 3.48 25.62
N ALA B 502 39.36 2.40 24.88
CA ALA B 502 38.39 1.91 23.90
C ALA B 502 37.52 0.85 24.54
N LYS B 503 36.20 1.06 24.53
CA LYS B 503 35.26 0.08 25.01
C LYS B 503 34.88 -0.95 23.95
N TYR B 504 35.07 -0.63 22.67
CA TYR B 504 34.71 -1.50 21.57
C TYR B 504 35.29 -0.92 20.28
N TYR B 505 35.49 -1.78 19.30
CA TYR B 505 35.93 -1.36 17.98
C TYR B 505 34.72 -1.08 17.11
N THR B 506 34.67 0.12 16.53
CA THR B 506 33.52 0.59 15.78
C THR B 506 33.86 0.71 14.30
N LEU B 507 32.96 0.22 13.45
CA LEU B 507 33.12 0.37 12.02
C LEU B 507 32.83 1.82 11.62
N PHE B 508 33.77 2.43 10.91
CA PHE B 508 33.68 3.84 10.53
C PHE B 508 33.74 3.97 9.01
N GLY B 509 33.59 5.20 8.55
CA GLY B 509 33.64 5.51 7.13
C GLY B 509 32.65 6.58 6.77
N ARG B 510 32.84 7.18 5.59
CA ARG B 510 31.91 8.19 5.10
C ARG B 510 30.63 7.52 4.62
N SER B 511 29.50 8.09 5.02
CA SER B 511 28.19 7.50 4.75
C SER B 511 27.49 8.24 3.61
N TYR B 512 26.24 7.88 3.37
CA TYR B 512 25.42 8.56 2.36
C TYR B 512 24.49 9.58 3.01
N PRO C . -8.62 10.64 -10.57
CA PRO C . -10.06 10.37 -10.67
C PRO C . -10.84 10.92 -9.48
O PRO C . -10.27 11.41 -8.52
CB PRO C . -10.12 8.83 -10.69
CG PRO C . -8.87 8.40 -10.00
CD PRO C . -7.83 9.41 -10.38
OXT PRO C . -12.08 10.90 -9.47
C19 0W4 D . -13.64 14.31 0.85
C20 0W4 D . -14.00 14.90 2.19
N1 0W4 D . -13.25 10.30 1.66
C2 0W4 D . -13.74 10.55 0.44
C7 0W4 D . -13.99 12.00 0.12
C6 0W4 D . -13.02 9.02 1.97
C5 0W4 D . -13.27 8.00 1.06
C3 0W4 D . -14.01 9.52 -0.46
C11 0W4 D . -15.04 8.80 -2.58
C12 0W4 D . -14.29 8.74 -3.89
C17 0W4 D . -13.34 9.71 -4.23
C16 0W4 D . -12.65 9.65 -5.43
C15 0W4 D . -12.88 8.63 -6.31
C14 0W4 D . -13.81 7.65 -6.00
C13 0W4 D . -14.50 7.72 -4.80
C21 0W4 D . -15.33 14.99 2.60
C22 0W4 D . -15.68 15.54 3.83
C23 0W4 D . -14.70 16.00 4.67
C24 0W4 D . -13.37 15.93 4.29
C25 0W4 D . -13.03 15.39 3.07
N10 0W4 D . -14.52 9.81 -1.67
N4 0W4 D . -13.78 8.23 -0.16
N9 0W4 D . -13.37 12.88 0.92
O8 0W4 D . -14.71 12.34 -0.81
CL1 0W4 D . -15.66 6.48 -4.45
CL2 0W4 D . -16.60 14.42 1.56
ZN ZN E . -35.28 20.46 -15.95
SR SR F . -19.11 15.42 -23.31
SR SR G . 1.13 -3.14 -20.07
SR SR H . -15.37 22.40 -5.47
N PRO I . 10.73 4.69 13.23
CA PRO I . 12.09 4.18 13.02
C PRO I . 12.92 5.10 12.12
O PRO I . 14.08 4.81 11.82
CB PRO I . 11.85 2.82 12.35
CG PRO I . 10.52 2.95 11.70
CD PRO I . 9.71 3.83 12.61
OXT PRO I . 12.45 6.14 11.67
C19 0W4 J . 16.25 11.59 3.61
C20 0W4 J . 16.84 12.58 2.65
N1 0W4 J . 15.42 8.15 1.54
C2 0W4 J . 15.78 7.92 2.82
C7 0W4 J . 16.11 9.15 3.61
C6 0W4 J . 15.13 7.05 0.82
C5 0W4 J . 15.21 5.78 1.34
C3 0W4 J . 15.86 6.63 3.35
C11 0W4 J . 16.78 5.21 5.13
C12 0W4 J . 16.03 4.65 6.31
C17 0W4 J . 15.16 5.44 7.07
C16 0W4 J . 14.47 4.91 8.15
C15 0W4 J . 14.63 3.58 8.50
C14 0W4 J . 15.49 2.78 7.76
C13 0W4 J . 16.17 3.32 6.69
C21 0W4 J . 18.22 12.67 2.47
C22 0W4 J . 18.79 13.57 1.58
C23 0W4 J . 17.98 14.43 0.87
C24 0W4 J . 16.61 14.37 1.02
C25 0W4 J . 16.05 13.46 1.92
N10 0W4 J . 16.21 6.46 4.63
N4 0W4 J . 15.57 5.54 2.61
N9 0W4 J . 15.93 10.32 2.98
O8 0W4 J . 16.51 9.07 4.78
CL1 0W4 J . 17.23 2.28 5.80
CL2 0W4 J . 19.27 11.62 3.35
ZN ZN K . 37.98 8.86 21.60
SR SR L . 19.03 16.95 12.95
#